data_5VAQ
#
_entry.id   5VAQ
#
_cell.length_a   48.647
_cell.length_b   145.487
_cell.length_c   213.827
_cell.angle_alpha   90.000
_cell.angle_beta   90.000
_cell.angle_gamma   90.000
#
_symmetry.space_group_name_H-M   'P 21 21 21'
#
loop_
_entity.id
_entity.type
_entity.pdbx_description
1 polymer Beta-klotho
2 polymer Nb914
3 polymer 'Fibroblast growth factor 21'
4 non-polymer 2-acetamido-2-deoxy-beta-D-glucopyranose
#
loop_
_entity_poly.entity_id
_entity_poly.type
_entity_poly.pdbx_seq_one_letter_code
_entity_poly.pdbx_strand_id
1 'polypeptide(L)'
;MSNGGLQRSVILSALILLRAVTGFSGDGRAIWSKNPNFTPVNESQLFLYDTFPKNFFWGIGTGALQVEGSWKKDGKGPSI
WDHFIHTHLKNVSSTNGSSDSYIFLEKDLSALDFIGVSFYQFSISWPRLFPDGIVTVANAKGLQYYSTLLDALVLRNIEP
IVTLYHWDLPLALQEKYGGWKNDTIIDIFNDYATYCFQMFGDRVKYWITIHNPYLVAWHGYGTGMHAPGEKGNLAAVYTV
GHNLIKAHSKVWHNYNTHFRPHQKGWLSITLGSHWIEPQRSENTMDIFKCQQSMVSVLGWFANPIHGDGDYPEGMRKKLF
SVLPIFSEAEKHEMRGTADFFAFSFGPNNFKPLNTMAKMGQNVSLNLREALNWIKLEYNNPRILIAENGWFTDSRVKTED
TTAIYMMKNFLSQVLQAIRLDEIRVFGYTAWSLLDGFEWQDAYTIRRGLFYVDFNSKQKERKPKSSAHYYKQIIRENGFS
LKESTPDVQGQFPCDFSWGVTESVLKPESVASSPQFSDPHLYVWNATGNRLLHRVEGVRLKTRPAQCTDFVNIKKQLEML
ARMKVTHYRFALDWASVLPTGQLSAVNRQALRYYRCVVSEGLKLGISAMVTLYYPTHAHLGLPEPLLHADGWLNPSTAEA
FQAYAGLCFQELGDLVKLWITINEPNRLSDIYNRSGNDTYGAAHNLLVAHALAWRLYDRQFRPSQRGAVSLSLHADWAEP
ANPYADSHWRAAERFLQFEIAWFAEPLFKTGDYPAAMREYIASKHRRGLSSSALPRLTEAERRLLKGTVDFCALNHFTTR
FVMHEQLAGSRYDSDRDIQFLQDITRLSSPTRLAVIPWGVRKLLRWVRRNYGDMDIYITASGIDDQALEDDRLRKYYLGK
YLQEVLKAYLIDKVRIKGYYAFKLAEEKSKPRFGFFTSDFKAKSSIQFYNKVISSRGFPFENSSSRCSQTQENT
;
A
2 'polypeptide(L)'
;QVQLVESGGGLVQAGGSLRLSCAASQRTFSPYVGGWFRQAPGKEREFVAAISWSGGTKLYADSVKGRFTISRDNAKNTVY
LQMNTLKREDTAVYYCAARRINEVLTTAPDYDFWGQGTQVTVSSHHHHHHEPEA
;
B
3 'polypeptide(L)' PDVGSSDPLSMVGGSQGRSPSYES C
#
loop_
_chem_comp.id
_chem_comp.type
_chem_comp.name
_chem_comp.formula
NAG D-saccharide, beta linking 2-acetamido-2-deoxy-beta-D-glucopyranose 'C8 H15 N O6'
#
# COMPACT_ATOMS: atom_id res chain seq x y z
N PHE A 24 -16.62 -6.96 -21.96
CA PHE A 24 -17.61 -5.99 -22.44
C PHE A 24 -18.44 -5.60 -21.25
N SER A 25 -19.42 -4.71 -21.45
CA SER A 25 -20.21 -4.22 -20.34
C SER A 25 -20.80 -5.41 -19.59
N GLY A 26 -20.66 -5.39 -18.28
CA GLY A 26 -21.19 -6.43 -17.43
C GLY A 26 -20.23 -7.55 -17.10
N ASP A 27 -19.20 -7.77 -17.92
CA ASP A 27 -18.24 -8.83 -17.66
C ASP A 27 -17.51 -8.66 -16.34
N GLY A 28 -17.69 -7.54 -15.65
CA GLY A 28 -17.01 -7.35 -14.40
C GLY A 28 -17.57 -8.14 -13.24
N ARG A 29 -18.85 -8.53 -13.30
CA ARG A 29 -19.49 -9.16 -12.14
C ARG A 29 -18.85 -10.48 -11.79
N ALA A 30 -18.30 -11.17 -12.80
CA ALA A 30 -17.47 -12.36 -12.66
C ALA A 30 -16.46 -12.22 -11.52
N ILE A 31 -16.01 -10.98 -11.30
CA ILE A 31 -14.92 -10.75 -10.37
C ILE A 31 -15.29 -11.24 -8.99
N TRP A 32 -16.57 -11.21 -8.64
CA TRP A 32 -16.95 -11.43 -7.26
C TRP A 32 -17.33 -12.89 -6.95
N SER A 33 -17.26 -13.80 -7.94
CA SER A 33 -17.81 -15.18 -7.84
C SER A 33 -16.81 -16.19 -8.34
N LEU A 46 1.25 -20.01 -4.68
CA LEU A 46 2.15 -19.25 -3.81
C LEU A 46 2.78 -18.10 -4.56
N PHE A 47 2.45 -16.87 -4.16
CA PHE A 47 2.85 -15.69 -4.90
C PHE A 47 4.23 -15.26 -4.43
N LEU A 48 5.21 -15.37 -5.31
CA LEU A 48 6.58 -15.15 -4.90
C LEU A 48 7.28 -14.22 -5.88
N TYR A 49 6.65 -13.11 -6.25
CA TYR A 49 7.27 -12.15 -7.14
C TYR A 49 7.56 -10.86 -6.40
N ASP A 50 8.77 -10.34 -6.58
CA ASP A 50 9.20 -9.12 -5.92
C ASP A 50 9.40 -7.94 -6.84
N THR A 51 9.67 -8.17 -8.12
CA THR A 51 10.12 -7.09 -8.98
C THR A 51 9.26 -7.03 -10.24
N PHE A 52 9.09 -5.79 -10.72
CA PHE A 52 8.14 -5.46 -11.78
C PHE A 52 8.71 -5.77 -13.15
N PRO A 53 7.89 -5.64 -14.20
CA PRO A 53 8.42 -5.84 -15.55
C PRO A 53 9.63 -4.97 -15.82
N LYS A 54 10.54 -5.49 -16.65
CA LYS A 54 11.58 -4.65 -17.21
C LYS A 54 10.87 -3.48 -17.90
N ASN A 55 11.51 -2.32 -17.93
CA ASN A 55 10.85 -1.14 -18.49
C ASN A 55 9.55 -0.71 -17.77
N PHE A 56 9.21 -1.24 -16.60
CA PHE A 56 8.11 -0.64 -15.87
C PHE A 56 8.46 0.79 -15.51
N PHE A 57 7.42 1.59 -15.30
CA PHE A 57 7.48 3.04 -15.40
C PHE A 57 7.01 3.74 -14.11
N TRP A 58 7.93 4.33 -13.33
CA TRP A 58 7.72 4.85 -11.98
C TRP A 58 7.60 6.39 -11.94
N GLY A 59 6.54 6.88 -11.31
CA GLY A 59 6.31 8.30 -11.31
C GLY A 59 5.66 8.75 -10.02
N ILE A 60 5.27 10.02 -10.00
CA ILE A 60 4.73 10.67 -8.82
C ILE A 60 3.95 11.86 -9.36
N GLY A 61 2.99 12.35 -8.57
CA GLY A 61 2.07 13.37 -9.06
C GLY A 61 1.83 14.51 -8.07
N THR A 62 1.34 15.61 -8.64
CA THR A 62 0.82 16.77 -7.92
C THR A 62 -0.31 17.31 -8.75
N GLY A 63 -1.08 18.20 -8.15
CA GLY A 63 -2.09 18.95 -8.88
C GLY A 63 -1.91 20.42 -8.59
N ALA A 64 -2.16 21.24 -9.60
CA ALA A 64 -1.75 22.63 -9.56
C ALA A 64 -2.23 23.31 -8.28
N LEU A 65 -3.53 23.20 -8.00
CA LEU A 65 -4.13 23.91 -6.88
C LEU A 65 -3.59 23.41 -5.54
N GLN A 66 -3.22 22.15 -5.44
CA GLN A 66 -2.71 21.65 -4.15
C GLN A 66 -1.35 22.24 -3.78
N VAL A 67 -0.49 22.55 -4.76
CA VAL A 67 0.92 22.79 -4.47
C VAL A 67 1.44 24.16 -4.89
N GLU A 68 0.81 24.87 -5.85
CA GLU A 68 1.45 26.04 -6.46
C GLU A 68 1.51 27.24 -5.52
N GLY A 69 0.43 27.54 -4.83
CA GLY A 69 0.42 28.78 -4.07
C GLY A 69 0.29 29.93 -5.05
N SER A 70 0.57 31.13 -4.54
CA SER A 70 0.62 32.36 -5.34
C SER A 70 -0.65 32.53 -6.18
N TRP A 71 -1.80 32.48 -5.50
CA TRP A 71 -3.06 32.33 -6.23
C TRP A 71 -3.42 33.55 -7.08
N LYS A 72 -3.04 34.75 -6.63
CA LYS A 72 -3.27 35.98 -7.39
C LYS A 72 -1.96 36.59 -7.93
N LYS A 73 -0.92 35.79 -8.11
CA LYS A 73 0.39 36.33 -8.47
C LYS A 73 0.58 36.36 -9.98
N ASP A 74 1.37 37.33 -10.43
CA ASP A 74 1.67 37.53 -11.85
C ASP A 74 0.44 37.32 -12.74
N GLY A 75 -0.65 38.02 -12.40
CA GLY A 75 -1.83 38.04 -13.26
C GLY A 75 -2.51 36.71 -13.46
N LYS A 76 -2.40 35.79 -12.48
CA LYS A 76 -3.28 34.63 -12.44
C LYS A 76 -4.74 35.04 -12.13
N GLY A 77 -5.65 34.63 -13.02
CA GLY A 77 -7.07 34.68 -12.71
C GLY A 77 -7.50 33.76 -11.57
N PRO A 78 -8.48 34.20 -10.79
CA PRO A 78 -9.03 33.34 -9.74
C PRO A 78 -9.76 32.16 -10.34
N SER A 79 -9.73 31.05 -9.59
CA SER A 79 -10.53 29.88 -9.95
C SER A 79 -11.73 29.76 -9.02
N ILE A 80 -12.65 28.88 -9.44
CA ILE A 80 -13.80 28.55 -8.61
C ILE A 80 -13.33 28.04 -7.26
N TRP A 81 -12.19 27.35 -7.23
CA TRP A 81 -11.64 26.87 -5.98
C TRP A 81 -11.05 27.99 -5.12
N ASP A 82 -10.55 29.06 -5.74
CA ASP A 82 -10.19 30.24 -4.95
C ASP A 82 -11.42 30.83 -4.27
N HIS A 83 -12.48 31.05 -5.05
CA HIS A 83 -13.73 31.55 -4.50
C HIS A 83 -14.30 30.59 -3.45
N PHE A 84 -14.27 29.28 -3.74
CA PHE A 84 -14.86 28.27 -2.85
C PHE A 84 -14.17 28.25 -1.49
N ILE A 85 -12.85 28.44 -1.46
CA ILE A 85 -12.10 28.43 -0.21
C ILE A 85 -12.42 29.69 0.62
N HIS A 86 -12.46 30.85 -0.05
CA HIS A 86 -12.68 32.12 0.63
C HIS A 86 -14.14 32.35 0.96
N THR A 87 -14.99 31.33 0.83
CA THR A 87 -16.43 31.43 1.05
C THR A 87 -16.88 30.33 1.99
N HIS A 88 -16.48 29.09 1.70
CA HIS A 88 -16.94 27.92 2.43
C HIS A 88 -15.94 27.45 3.50
N LEU A 89 -14.75 28.05 3.59
CA LEU A 89 -13.74 27.60 4.54
C LEU A 89 -13.03 28.78 5.24
N LYS A 90 -11.72 28.65 5.46
CA LYS A 90 -10.94 29.69 6.15
C LYS A 90 -9.44 29.69 5.78
N GLY A 97 0.34 29.92 2.10
CA GLY A 97 1.05 29.89 0.82
C GLY A 97 1.04 28.52 0.15
N SER A 98 0.61 27.53 0.92
CA SER A 98 0.73 26.12 0.56
C SER A 98 2.19 25.75 0.34
N SER A 99 2.42 24.74 -0.47
CA SER A 99 3.76 24.28 -0.75
C SER A 99 4.57 25.29 -1.55
N ASP A 100 3.89 26.29 -2.15
CA ASP A 100 4.57 27.38 -2.84
C ASP A 100 5.54 26.87 -3.91
N SER A 101 5.06 25.89 -4.67
CA SER A 101 5.82 25.39 -5.81
C SER A 101 6.03 26.45 -6.86
N TYR A 102 5.11 27.39 -6.99
CA TYR A 102 5.23 28.33 -8.09
C TYR A 102 6.47 29.20 -7.93
N ILE A 103 6.94 29.40 -6.71
CA ILE A 103 8.19 30.12 -6.50
C ILE A 103 9.35 29.23 -6.12
N PHE A 104 9.13 27.94 -5.89
CA PHE A 104 10.16 27.00 -5.40
C PHE A 104 10.35 25.84 -6.34
N LEU A 105 10.27 26.11 -7.64
CA LEU A 105 10.42 25.04 -8.63
C LEU A 105 11.73 24.30 -8.43
N GLU A 106 12.78 25.04 -8.09
CA GLU A 106 14.07 24.44 -7.84
C GLU A 106 13.96 23.33 -6.79
N LYS A 107 13.33 23.65 -5.66
CA LYS A 107 13.19 22.69 -4.56
C LYS A 107 12.38 21.44 -4.94
N ASP A 108 11.43 21.54 -5.86
CA ASP A 108 10.70 20.31 -6.23
C ASP A 108 11.47 19.49 -7.26
N LEU A 109 12.16 20.15 -8.20
CA LEU A 109 13.11 19.41 -9.03
C LEU A 109 14.15 18.65 -8.19
N SER A 110 14.55 19.22 -7.04
CA SER A 110 15.44 18.48 -6.15
C SER A 110 14.78 17.20 -5.64
N ALA A 111 13.50 17.29 -5.24
CA ALA A 111 12.82 16.11 -4.73
C ALA A 111 12.63 15.07 -5.82
N LEU A 112 12.29 15.50 -7.02
CA LEU A 112 12.16 14.54 -8.10
C LEU A 112 13.47 13.78 -8.28
N ASP A 113 14.62 14.48 -8.21
CA ASP A 113 15.91 13.82 -8.43
C ASP A 113 16.22 12.84 -7.32
N PHE A 114 15.84 13.20 -6.11
CA PHE A 114 16.04 12.30 -4.98
C PHE A 114 15.27 10.98 -5.16
N ILE A 115 13.97 11.06 -5.51
CA ILE A 115 13.15 9.87 -5.71
C ILE A 115 13.67 9.01 -6.86
N GLY A 116 14.20 9.64 -7.90
CA GLY A 116 14.60 8.89 -9.06
C GLY A 116 13.44 8.49 -9.96
N VAL A 117 12.41 9.29 -10.05
CA VAL A 117 11.26 8.83 -10.83
C VAL A 117 11.60 9.00 -12.30
N SER A 118 10.96 8.19 -13.14
CA SER A 118 11.06 8.40 -14.59
C SER A 118 10.11 9.46 -15.10
N PHE A 119 8.87 9.52 -14.58
CA PHE A 119 7.92 10.53 -15.01
C PHE A 119 7.41 11.32 -13.82
N TYR A 120 7.01 12.55 -14.11
CA TYR A 120 6.36 13.46 -13.17
C TYR A 120 5.04 13.93 -13.77
N GLN A 121 3.97 13.78 -13.02
CA GLN A 121 2.65 14.20 -13.48
C GLN A 121 2.19 15.42 -12.69
N PHE A 122 1.98 16.52 -13.39
CA PHE A 122 1.56 17.76 -12.75
C PHE A 122 0.45 18.31 -13.62
N SER A 123 -0.16 19.40 -13.18
CA SER A 123 -1.27 19.91 -13.96
C SER A 123 -1.09 21.39 -14.19
N ILE A 124 -1.52 21.84 -15.36
CA ILE A 124 -1.50 23.26 -15.70
C ILE A 124 -2.76 23.92 -15.13
N SER A 125 -2.57 24.89 -14.24
CA SER A 125 -3.62 25.78 -13.78
C SER A 125 -4.10 26.65 -14.94
N TRP A 126 -5.24 26.27 -15.52
CA TRP A 126 -5.85 27.03 -16.61
C TRP A 126 -5.93 28.54 -16.35
N PRO A 127 -6.44 29.02 -15.20
CA PRO A 127 -6.53 30.46 -15.02
C PRO A 127 -5.18 31.15 -14.81
N ARG A 128 -4.12 30.39 -14.57
CA ARG A 128 -2.79 30.99 -14.54
C ARG A 128 -2.28 31.25 -15.93
N LEU A 129 -2.82 30.55 -16.92
CA LEU A 129 -2.51 30.83 -18.32
C LEU A 129 -3.45 31.86 -18.92
N PHE A 130 -4.76 31.57 -18.79
CA PHE A 130 -5.84 32.32 -19.41
C PHE A 130 -6.77 32.80 -18.31
N PRO A 131 -6.46 33.91 -17.67
CA PRO A 131 -7.28 34.39 -16.54
C PRO A 131 -8.78 34.31 -16.73
N ASP A 132 -9.29 34.53 -17.94
CA ASP A 132 -10.72 34.42 -18.19
C ASP A 132 -11.09 33.17 -18.97
N GLY A 133 -10.19 32.17 -18.97
CA GLY A 133 -10.42 30.90 -19.64
C GLY A 133 -10.54 30.94 -21.15
N ILE A 134 -11.29 31.91 -21.66
CA ILE A 134 -11.20 32.17 -23.09
C ILE A 134 -9.76 32.53 -23.44
N VAL A 135 -9.36 32.22 -24.67
CA VAL A 135 -7.96 32.29 -25.10
C VAL A 135 -7.68 33.66 -25.73
N THR A 136 -7.96 34.73 -24.99
CA THR A 136 -7.42 36.03 -25.31
C THR A 136 -5.97 36.03 -24.90
N VAL A 137 -5.34 37.19 -24.78
CA VAL A 137 -3.90 37.20 -24.56
C VAL A 137 -3.52 36.30 -23.39
N ALA A 138 -2.52 35.45 -23.63
CA ALA A 138 -1.98 34.56 -22.59
C ALA A 138 -1.08 35.31 -21.62
N ASN A 139 -1.09 34.83 -20.38
CA ASN A 139 -0.39 35.49 -19.29
C ASN A 139 1.05 34.99 -19.29
N ALA A 140 1.93 35.79 -19.84
CA ALA A 140 3.23 35.27 -20.24
C ALA A 140 4.07 34.79 -19.07
N LYS A 141 3.84 35.28 -17.85
CA LYS A 141 4.63 34.77 -16.72
C LYS A 141 4.22 33.34 -16.35
N GLY A 142 2.93 33.00 -16.50
CA GLY A 142 2.53 31.63 -16.25
C GLY A 142 3.03 30.68 -17.31
N LEU A 143 2.96 31.09 -18.58
CA LEU A 143 3.57 30.30 -19.65
C LEU A 143 5.08 30.12 -19.42
N GLN A 144 5.73 31.10 -18.79
CA GLN A 144 7.14 30.93 -18.53
C GLN A 144 7.36 29.80 -17.51
N TYR A 145 6.55 29.79 -16.45
CA TYR A 145 6.65 28.76 -15.42
C TYR A 145 6.47 27.35 -16.01
N TYR A 146 5.41 27.12 -16.77
CA TYR A 146 5.24 25.77 -17.28
C TYR A 146 6.33 25.44 -18.29
N SER A 147 6.77 26.41 -19.08
CA SER A 147 7.87 26.13 -19.99
C SER A 147 9.16 25.80 -19.25
N THR A 148 9.44 26.54 -18.17
CA THR A 148 10.65 26.31 -17.40
C THR A 148 10.62 24.95 -16.73
N LEU A 149 9.47 24.58 -16.19
CA LEU A 149 9.33 23.25 -15.61
C LEU A 149 9.53 22.16 -16.66
N LEU A 150 8.94 22.34 -17.85
CA LEU A 150 9.04 21.28 -18.84
C LEU A 150 10.48 21.13 -19.35
N ASP A 151 11.16 22.25 -19.55
CA ASP A 151 12.57 22.22 -19.93
C ASP A 151 13.40 21.49 -18.88
N ALA A 152 13.18 21.81 -17.59
CA ALA A 152 13.99 21.17 -16.57
C ALA A 152 13.76 19.66 -16.53
N LEU A 153 12.53 19.21 -16.76
CA LEU A 153 12.28 17.79 -16.67
C LEU A 153 12.95 17.08 -17.82
N VAL A 154 12.88 17.63 -19.02
CA VAL A 154 13.50 16.95 -20.14
C VAL A 154 15.02 16.84 -19.92
N LEU A 155 15.66 17.90 -19.41
CA LEU A 155 17.09 17.89 -19.14
C LEU A 155 17.52 16.98 -17.99
N ARG A 156 16.62 16.65 -17.06
CA ARG A 156 16.85 15.61 -16.05
C ARG A 156 16.32 14.26 -16.48
N ASN A 157 15.97 14.13 -17.76
CA ASN A 157 15.51 12.86 -18.30
C ASN A 157 14.19 12.36 -17.69
N ILE A 158 13.32 13.27 -17.19
CA ILE A 158 12.03 12.90 -16.59
C ILE A 158 10.91 13.20 -17.58
N GLU A 159 10.07 12.20 -17.87
CA GLU A 159 8.99 12.42 -18.82
C GLU A 159 7.92 13.24 -18.13
N PRO A 160 7.39 14.30 -18.75
CA PRO A 160 6.23 14.99 -18.19
C PRO A 160 4.96 14.24 -18.54
N ILE A 161 4.08 14.08 -17.56
CA ILE A 161 2.68 13.70 -17.83
C ILE A 161 1.85 14.91 -17.43
N VAL A 162 1.19 15.55 -18.40
CA VAL A 162 0.58 16.85 -18.16
C VAL A 162 -0.92 16.74 -18.21
N THR A 163 -1.55 17.30 -17.17
CA THR A 163 -2.98 17.21 -16.93
C THR A 163 -3.57 18.59 -17.10
N LEU A 164 -4.45 18.72 -18.09
CA LEU A 164 -5.00 19.99 -18.51
C LEU A 164 -5.91 20.58 -17.45
N TYR A 165 -6.78 19.74 -16.84
CA TYR A 165 -7.85 20.20 -15.94
C TYR A 165 -7.86 19.36 -14.66
N HIS A 166 -7.46 19.97 -13.55
CA HIS A 166 -7.48 19.32 -12.23
C HIS A 166 -8.34 20.16 -11.27
N TRP A 167 -9.55 20.53 -11.72
CA TRP A 167 -10.65 21.07 -10.94
C TRP A 167 -10.63 22.59 -10.83
N ASP A 168 -9.57 23.26 -11.30
CA ASP A 168 -9.45 24.71 -11.07
C ASP A 168 -9.97 25.51 -12.28
N LEU A 169 -11.28 25.36 -12.53
CA LEU A 169 -11.92 26.06 -13.63
C LEU A 169 -11.85 27.56 -13.37
N PRO A 170 -11.51 28.36 -14.38
CA PRO A 170 -11.50 29.81 -14.21
C PRO A 170 -12.84 30.35 -13.72
N LEU A 171 -12.79 31.12 -12.63
CA LEU A 171 -13.98 31.71 -12.03
C LEU A 171 -14.84 32.44 -13.04
N ALA A 172 -14.23 33.03 -14.05
CA ALA A 172 -14.94 33.86 -15.00
C ALA A 172 -15.85 33.03 -15.88
N LEU A 173 -15.48 31.77 -16.09
CA LEU A 173 -16.36 30.90 -16.85
C LEU A 173 -17.51 30.36 -15.98
N GLN A 174 -17.32 30.27 -14.66
CA GLN A 174 -18.46 29.86 -13.86
C GLN A 174 -19.48 30.98 -13.82
N GLU A 175 -19.01 32.22 -13.64
CA GLU A 175 -19.89 33.38 -13.53
C GLU A 175 -20.53 33.73 -14.86
N LYS A 176 -19.77 33.69 -15.97
CA LYS A 176 -20.38 34.10 -17.23
C LYS A 176 -21.25 33.01 -17.79
N TYR A 177 -20.82 31.75 -17.71
CA TYR A 177 -21.51 30.70 -18.44
C TYR A 177 -22.21 29.67 -17.56
N GLY A 178 -21.90 29.57 -16.28
CA GLY A 178 -22.27 28.38 -15.54
C GLY A 178 -21.25 27.25 -15.57
N GLY A 179 -20.00 27.51 -16.05
CA GLY A 179 -18.95 26.50 -15.96
C GLY A 179 -19.32 25.28 -16.78
N TRP A 180 -19.09 24.08 -16.21
CA TRP A 180 -19.41 22.85 -16.95
C TRP A 180 -20.92 22.63 -17.15
N LYS A 181 -21.80 23.38 -16.43
CA LYS A 181 -23.24 23.30 -16.74
C LYS A 181 -23.52 23.77 -18.16
N ASN A 182 -22.81 24.79 -18.62
CA ASN A 182 -23.07 25.35 -19.95
C ASN A 182 -22.22 24.56 -20.92
N ASP A 183 -22.83 24.08 -22.01
CA ASP A 183 -22.04 23.35 -22.98
C ASP A 183 -21.19 24.25 -23.88
N THR A 184 -21.29 25.57 -23.75
CA THR A 184 -20.32 26.35 -24.49
C THR A 184 -18.91 26.06 -24.02
N ILE A 185 -18.76 25.53 -22.81
CA ILE A 185 -17.46 25.13 -22.26
C ILE A 185 -16.68 24.18 -23.19
N ILE A 186 -17.37 23.42 -24.06
CA ILE A 186 -16.67 22.37 -24.82
C ILE A 186 -15.62 22.98 -25.74
N ASP A 187 -15.94 24.08 -26.41
CA ASP A 187 -14.94 24.75 -27.22
C ASP A 187 -14.05 25.66 -26.41
N ILE A 188 -14.59 26.28 -25.36
CA ILE A 188 -13.68 27.01 -24.49
C ILE A 188 -12.56 26.07 -24.01
N PHE A 189 -12.90 24.81 -23.68
CA PHE A 189 -11.90 23.84 -23.24
C PHE A 189 -11.02 23.38 -24.41
N ASN A 190 -11.59 23.14 -25.58
CA ASN A 190 -10.75 22.63 -26.69
C ASN A 190 -9.76 23.69 -27.16
N ASP A 191 -10.16 24.96 -27.16
CA ASP A 191 -9.23 26.05 -27.43
C ASP A 191 -8.07 26.04 -26.44
N TYR A 192 -8.39 25.96 -25.15
CA TYR A 192 -7.32 25.93 -24.15
C TYR A 192 -6.36 24.74 -24.37
N ALA A 193 -6.89 23.57 -24.68
CA ALA A 193 -6.01 22.43 -24.94
C ALA A 193 -5.15 22.69 -26.17
N THR A 194 -5.71 23.38 -27.16
CA THR A 194 -5.02 23.57 -28.44
C THR A 194 -3.75 24.39 -28.24
N TYR A 195 -3.90 25.52 -27.56
CA TYR A 195 -2.76 26.31 -27.12
C TYR A 195 -1.78 25.46 -26.31
N CYS A 196 -2.27 24.67 -25.36
CA CYS A 196 -1.38 23.84 -24.55
C CYS A 196 -0.60 22.82 -25.39
N PHE A 197 -1.25 22.15 -26.36
CA PHE A 197 -0.52 21.30 -27.28
C PHE A 197 0.53 22.11 -28.06
N GLN A 198 0.16 23.31 -28.49
CA GLN A 198 1.05 24.10 -29.34
C GLN A 198 2.24 24.63 -28.56
N MET A 199 2.06 24.99 -27.31
CA MET A 199 3.14 25.56 -26.53
C MET A 199 4.00 24.51 -25.85
N PHE A 200 3.49 23.31 -25.62
CA PHE A 200 4.24 22.35 -24.85
C PHE A 200 4.34 20.98 -25.49
N GLY A 201 3.56 20.68 -26.54
CA GLY A 201 3.56 19.33 -27.10
C GLY A 201 4.91 18.90 -27.66
N ASP A 202 5.76 19.87 -28.01
CA ASP A 202 7.18 19.68 -28.33
C ASP A 202 7.82 18.73 -27.34
N ARG A 203 7.49 18.92 -26.05
CA ARG A 203 8.18 18.32 -24.94
C ARG A 203 7.34 17.37 -24.10
N VAL A 204 6.03 17.30 -24.32
CA VAL A 204 5.11 16.48 -23.54
C VAL A 204 4.56 15.37 -24.42
N LYS A 205 4.81 14.12 -24.03
CA LYS A 205 4.27 12.98 -24.76
C LYS A 205 3.13 12.25 -24.04
N TYR A 206 2.72 12.71 -22.85
CA TYR A 206 1.63 12.10 -22.09
C TYR A 206 0.72 13.20 -21.57
N TRP A 207 -0.54 13.18 -22.03
CA TRP A 207 -1.56 14.20 -21.78
C TRP A 207 -2.77 13.61 -21.08
N ILE A 208 -3.18 14.20 -19.96
CA ILE A 208 -4.48 13.92 -19.36
C ILE A 208 -5.38 15.16 -19.52
N THR A 209 -6.56 14.97 -20.12
CA THR A 209 -7.54 16.06 -20.21
C THR A 209 -8.04 16.47 -18.84
N ILE A 210 -8.79 15.58 -18.18
CA ILE A 210 -9.44 15.89 -16.91
C ILE A 210 -8.98 14.91 -15.85
N HIS A 211 -8.71 15.41 -14.67
CA HIS A 211 -8.46 14.50 -13.55
C HIS A 211 -9.77 14.20 -12.81
N ASN A 212 -10.25 12.95 -12.92
CA ASN A 212 -11.40 12.43 -12.20
C ASN A 212 -12.70 13.24 -12.40
N PRO A 213 -13.34 13.13 -13.56
CA PRO A 213 -14.56 13.93 -13.82
C PRO A 213 -15.75 13.54 -12.90
N TYR A 214 -15.79 12.28 -12.41
CA TYR A 214 -16.74 11.86 -11.40
C TYR A 214 -16.82 12.84 -10.21
N LEU A 215 -15.67 13.25 -9.66
CA LEU A 215 -15.77 14.15 -8.51
C LEU A 215 -16.20 15.53 -8.95
N VAL A 216 -15.85 15.90 -10.20
CA VAL A 216 -16.21 17.22 -10.71
C VAL A 216 -17.73 17.36 -10.65
N ALA A 217 -18.43 16.34 -11.12
CA ALA A 217 -19.86 16.41 -11.24
C ALA A 217 -20.54 16.10 -9.90
N TRP A 218 -20.09 15.03 -9.24
CA TRP A 218 -20.74 14.56 -8.02
C TRP A 218 -20.52 15.50 -6.83
N HIS A 219 -19.31 15.98 -6.61
CA HIS A 219 -19.13 16.83 -5.45
C HIS A 219 -19.31 18.30 -5.76
N GLY A 220 -19.22 18.68 -7.02
CA GLY A 220 -19.43 20.08 -7.34
C GLY A 220 -20.90 20.42 -7.32
N TYR A 221 -21.74 19.47 -7.74
CA TYR A 221 -23.15 19.74 -7.95
C TYR A 221 -24.08 18.77 -7.23
N GLY A 222 -23.60 17.59 -6.84
CA GLY A 222 -24.39 16.65 -6.09
C GLY A 222 -24.30 16.93 -4.61
N THR A 223 -23.12 16.84 -4.03
CA THR A 223 -22.98 16.97 -2.59
C THR A 223 -22.67 18.39 -2.13
N GLY A 224 -22.06 19.23 -2.97
CA GLY A 224 -21.60 20.53 -2.55
C GLY A 224 -20.28 20.53 -1.81
N MET A 225 -19.59 19.40 -1.76
CA MET A 225 -18.31 19.30 -1.07
C MET A 225 -17.16 20.01 -1.80
N HIS A 226 -17.30 20.25 -3.10
CA HIS A 226 -16.26 20.79 -3.95
C HIS A 226 -16.77 22.02 -4.68
N ALA A 227 -15.83 22.92 -5.05
CA ALA A 227 -16.21 24.03 -5.97
C ALA A 227 -17.02 23.50 -7.18
N PRO A 228 -18.05 24.27 -7.60
CA PRO A 228 -18.58 25.53 -7.06
C PRO A 228 -19.50 25.37 -5.81
N GLY A 229 -19.87 24.14 -5.44
CA GLY A 229 -20.58 23.90 -4.19
C GLY A 229 -22.09 23.89 -4.25
N GLU A 230 -22.69 23.56 -5.39
CA GLU A 230 -24.13 23.38 -5.48
C GLU A 230 -24.51 22.03 -4.90
N LYS A 231 -25.38 22.04 -3.87
CA LYS A 231 -25.86 20.80 -3.26
C LYS A 231 -27.12 20.33 -3.97
N GLY A 232 -27.27 19.02 -4.01
CA GLY A 232 -28.50 18.43 -4.47
C GLY A 232 -28.96 18.78 -5.86
N ASN A 233 -28.12 19.32 -6.71
CA ASN A 233 -28.63 19.72 -8.02
C ASN A 233 -28.56 18.51 -8.95
N LEU A 234 -29.65 17.72 -9.02
CA LEU A 234 -29.59 16.47 -9.76
C LEU A 234 -29.34 16.68 -11.26
N ALA A 235 -30.07 17.61 -11.88
CA ALA A 235 -29.91 17.75 -13.32
C ALA A 235 -28.49 18.23 -13.65
N ALA A 236 -27.91 19.08 -12.79
CA ALA A 236 -26.56 19.57 -13.03
C ALA A 236 -25.55 18.43 -13.06
N VAL A 237 -25.65 17.52 -12.09
CA VAL A 237 -24.68 16.44 -12.00
C VAL A 237 -24.56 15.75 -13.35
N TYR A 238 -25.67 15.48 -14.00
CA TYR A 238 -25.50 14.67 -15.19
C TYR A 238 -25.21 15.51 -16.39
N THR A 239 -25.61 16.77 -16.38
CA THR A 239 -25.23 17.63 -17.49
C THR A 239 -23.74 17.94 -17.44
N VAL A 240 -23.21 18.18 -16.24
CA VAL A 240 -21.80 18.39 -16.04
C VAL A 240 -20.99 17.19 -16.51
N GLY A 241 -21.32 16.00 -16.00
CA GLY A 241 -20.69 14.80 -16.51
C GLY A 241 -20.73 14.75 -18.03
N HIS A 242 -21.88 15.05 -18.61
CA HIS A 242 -22.01 14.98 -20.06
C HIS A 242 -21.05 15.96 -20.74
N ASN A 243 -20.94 17.17 -20.19
CA ASN A 243 -20.13 18.14 -20.89
C ASN A 243 -18.66 17.77 -20.78
N LEU A 244 -18.27 17.17 -19.65
CA LEU A 244 -16.91 16.75 -19.44
C LEU A 244 -16.53 15.63 -20.40
N ILE A 245 -17.43 14.63 -20.54
CA ILE A 245 -17.21 13.56 -21.51
C ILE A 245 -17.04 14.15 -22.90
N LYS A 246 -17.97 15.01 -23.32
CA LYS A 246 -17.95 15.54 -24.67
C LYS A 246 -16.72 16.43 -24.91
N ALA A 247 -16.31 17.20 -23.89
CA ALA A 247 -15.13 18.05 -24.01
C ALA A 247 -13.88 17.18 -24.17
N HIS A 248 -13.75 16.16 -23.32
CA HIS A 248 -12.64 15.24 -23.47
C HIS A 248 -12.57 14.69 -24.88
N SER A 249 -13.67 14.14 -25.38
CA SER A 249 -13.67 13.54 -26.70
C SER A 249 -13.24 14.56 -27.76
N LYS A 250 -13.72 15.77 -27.65
CA LYS A 250 -13.30 16.75 -28.63
C LYS A 250 -11.79 17.01 -28.52
N VAL A 251 -11.24 16.98 -27.31
CA VAL A 251 -9.82 17.22 -27.18
C VAL A 251 -9.04 16.03 -27.73
N TRP A 252 -9.54 14.81 -27.53
CA TRP A 252 -8.86 13.65 -28.09
C TRP A 252 -8.79 13.73 -29.62
N HIS A 253 -9.90 14.02 -30.26
CA HIS A 253 -9.88 14.09 -31.71
C HIS A 253 -9.02 15.25 -32.19
N ASN A 254 -9.02 16.36 -31.46
CA ASN A 254 -8.14 17.46 -31.77
C ASN A 254 -6.71 16.97 -31.80
N TYR A 255 -6.26 16.43 -30.67
CA TYR A 255 -4.92 15.87 -30.59
C TYR A 255 -4.70 14.79 -31.64
N ASN A 256 -5.67 13.89 -31.84
CA ASN A 256 -5.41 12.81 -32.78
C ASN A 256 -5.08 13.36 -34.16
N THR A 257 -5.78 14.42 -34.58
CA THR A 257 -5.68 14.89 -35.96
C THR A 257 -4.50 15.84 -36.17
N HIS A 258 -4.34 16.82 -35.28
CA HIS A 258 -3.49 17.97 -35.50
C HIS A 258 -2.15 17.91 -34.78
N PHE A 259 -1.94 17.01 -33.83
CA PHE A 259 -0.68 17.12 -33.11
C PHE A 259 0.06 15.79 -33.01
N ARG A 260 -0.68 14.70 -32.89
CA ARG A 260 -0.07 13.38 -32.79
C ARG A 260 0.88 13.07 -33.94
N PRO A 261 0.57 13.44 -35.20
CA PRO A 261 1.51 13.14 -36.28
C PRO A 261 2.90 13.74 -36.08
N HIS A 262 3.01 14.97 -35.61
CA HIS A 262 4.31 15.59 -35.42
C HIS A 262 4.78 15.58 -33.97
N GLN A 263 3.96 15.10 -33.04
CA GLN A 263 4.38 15.06 -31.64
C GLN A 263 4.38 13.66 -31.05
N LYS A 264 3.58 12.73 -31.63
CA LYS A 264 3.74 11.29 -31.38
C LYS A 264 3.60 10.93 -29.90
N GLY A 265 2.72 11.63 -29.19
CA GLY A 265 2.41 11.33 -27.80
C GLY A 265 1.12 10.56 -27.64
N TRP A 266 0.58 10.58 -26.41
CA TRP A 266 -0.67 9.89 -26.03
C TRP A 266 -1.51 10.72 -25.10
N LEU A 267 -2.83 10.50 -25.20
CA LEU A 267 -3.80 11.26 -24.43
C LEU A 267 -4.79 10.31 -23.81
N SER A 268 -5.05 10.49 -22.53
CA SER A 268 -6.17 9.79 -21.90
C SER A 268 -6.90 10.74 -20.95
N ILE A 269 -7.78 10.15 -20.14
CA ILE A 269 -8.49 10.83 -19.05
C ILE A 269 -8.35 10.00 -17.77
N THR A 270 -8.20 10.66 -16.63
CA THR A 270 -8.03 9.90 -15.40
C THR A 270 -9.40 9.65 -14.75
N LEU A 271 -9.83 8.38 -14.79
CA LEU A 271 -11.08 7.95 -14.18
C LEU A 271 -10.80 7.44 -12.77
N GLY A 272 -11.34 8.11 -11.76
CA GLY A 272 -11.24 7.58 -10.42
C GLY A 272 -12.40 6.61 -10.09
N SER A 273 -12.18 5.76 -9.11
CA SER A 273 -13.27 4.98 -8.57
C SER A 273 -12.82 4.40 -7.25
N HIS A 274 -13.77 3.80 -6.55
CA HIS A 274 -13.57 3.07 -5.32
C HIS A 274 -13.61 1.58 -5.64
N TRP A 275 -13.56 0.74 -4.62
CA TRP A 275 -13.90 -0.68 -4.80
C TRP A 275 -14.92 -1.16 -3.73
N ILE A 276 -15.62 -2.24 -4.06
CA ILE A 276 -16.70 -2.73 -3.22
C ILE A 276 -16.77 -4.24 -3.32
N GLU A 277 -17.10 -4.88 -2.19
CA GLU A 277 -17.27 -6.32 -2.05
C GLU A 277 -18.64 -6.62 -1.42
N PRO A 278 -19.24 -7.78 -1.70
CA PRO A 278 -20.63 -8.04 -1.25
C PRO A 278 -20.77 -8.16 0.27
N GLN A 279 -21.83 -7.52 0.80
CA GLN A 279 -22.20 -7.61 2.23
C GLN A 279 -22.14 -9.05 2.74
N ARG A 280 -22.75 -9.99 2.02
CA ARG A 280 -22.76 -11.38 2.40
C ARG A 280 -21.93 -12.19 1.43
N SER A 281 -21.03 -13.01 1.98
CA SER A 281 -20.10 -13.90 1.31
C SER A 281 -20.28 -13.96 -0.20
N GLU A 282 -21.27 -14.70 -0.70
CA GLU A 282 -21.47 -14.85 -2.14
C GLU A 282 -22.94 -14.65 -2.48
N ASN A 283 -23.55 -13.60 -1.92
CA ASN A 283 -24.98 -13.34 -2.12
C ASN A 283 -25.23 -12.79 -3.53
N THR A 284 -26.01 -13.54 -4.30
CA THR A 284 -26.17 -13.24 -5.71
C THR A 284 -26.66 -11.82 -5.97
N MET A 285 -27.45 -11.26 -5.07
CA MET A 285 -27.93 -9.94 -5.34
C MET A 285 -27.13 -8.88 -4.63
N ASP A 286 -26.40 -9.26 -3.59
CA ASP A 286 -25.35 -8.37 -3.11
C ASP A 286 -24.36 -8.11 -4.23
N ILE A 287 -24.01 -9.16 -4.99
CA ILE A 287 -23.04 -9.04 -6.07
C ILE A 287 -23.59 -8.12 -7.15
N PHE A 288 -24.88 -8.21 -7.40
CA PHE A 288 -25.49 -7.33 -8.36
C PHE A 288 -25.44 -5.87 -7.87
N LYS A 289 -25.50 -5.66 -6.56
CA LYS A 289 -25.47 -4.27 -6.12
C LYS A 289 -24.04 -3.74 -6.18
N CYS A 290 -23.08 -4.61 -5.85
CA CYS A 290 -21.67 -4.36 -6.11
C CYS A 290 -21.44 -3.86 -7.53
N GLN A 291 -21.93 -4.61 -8.53
CA GLN A 291 -21.81 -4.16 -9.89
C GLN A 291 -22.47 -2.80 -10.09
N GLN A 292 -23.62 -2.57 -9.47
CA GLN A 292 -24.29 -1.30 -9.69
C GLN A 292 -23.46 -0.15 -9.15
N SER A 293 -22.86 -0.35 -7.97
CA SER A 293 -22.02 0.67 -7.37
C SER A 293 -20.87 1.03 -8.30
N MET A 294 -20.19 0.02 -8.86
CA MET A 294 -19.04 0.28 -9.70
C MET A 294 -19.45 1.00 -10.97
N VAL A 295 -20.56 0.59 -11.57
CA VAL A 295 -20.99 1.20 -12.81
C VAL A 295 -21.35 2.65 -12.56
N SER A 296 -21.91 2.90 -11.39
CA SER A 296 -22.43 4.20 -11.10
C SER A 296 -21.31 5.19 -10.95
N VAL A 297 -20.11 4.71 -10.64
CA VAL A 297 -19.00 5.65 -10.48
C VAL A 297 -18.05 5.56 -11.67
N LEU A 298 -17.57 4.38 -11.96
CA LEU A 298 -16.56 4.22 -13.00
C LEU A 298 -17.20 4.02 -14.38
N GLY A 299 -18.23 3.18 -14.48
CA GLY A 299 -18.86 2.95 -15.78
C GLY A 299 -19.45 4.21 -16.39
N TRP A 300 -19.96 5.10 -15.55
CA TRP A 300 -20.58 6.33 -15.98
C TRP A 300 -19.68 7.09 -16.96
N PHE A 301 -18.40 7.25 -16.63
CA PHE A 301 -17.47 7.87 -17.58
C PHE A 301 -16.70 6.89 -18.45
N ALA A 302 -16.47 5.65 -17.97
CA ALA A 302 -15.64 4.72 -18.75
C ALA A 302 -16.40 4.16 -19.96
N ASN A 303 -17.68 3.82 -19.79
CA ASN A 303 -18.40 3.21 -20.90
C ASN A 303 -18.48 4.10 -22.13
N PRO A 304 -18.69 5.42 -22.01
CA PRO A 304 -18.61 6.23 -23.21
C PRO A 304 -17.20 6.24 -23.80
N ILE A 305 -16.15 6.35 -22.99
CA ILE A 305 -14.80 6.59 -23.50
C ILE A 305 -14.06 5.29 -23.84
N HIS A 306 -14.19 4.26 -23.01
CA HIS A 306 -13.46 3.00 -23.14
C HIS A 306 -14.35 1.84 -23.56
N GLY A 307 -15.67 2.06 -23.62
CA GLY A 307 -16.60 1.00 -23.94
C GLY A 307 -17.31 1.14 -25.27
N ASP A 308 -18.65 0.99 -25.28
CA ASP A 308 -19.37 0.93 -26.56
C ASP A 308 -19.65 2.31 -27.12
N GLY A 309 -19.38 3.36 -26.36
CA GLY A 309 -19.63 4.70 -26.82
C GLY A 309 -20.85 5.34 -26.17
N ASP A 310 -21.56 4.61 -25.32
CA ASP A 310 -22.77 5.06 -24.65
C ASP A 310 -22.58 5.06 -23.13
N TYR A 311 -23.46 5.80 -22.43
CA TYR A 311 -23.60 5.58 -21.00
C TYR A 311 -24.01 4.13 -20.73
N PRO A 312 -23.73 3.62 -19.52
CA PRO A 312 -24.15 2.25 -19.14
C PRO A 312 -25.66 2.04 -19.22
N GLU A 313 -26.06 0.86 -19.73
CA GLU A 313 -27.48 0.57 -19.94
C GLU A 313 -28.26 0.71 -18.63
N GLY A 314 -27.69 0.24 -17.53
CA GLY A 314 -28.35 0.39 -16.24
C GLY A 314 -28.71 1.82 -15.94
N MET A 315 -27.75 2.72 -16.09
CA MET A 315 -27.94 4.13 -15.83
C MET A 315 -29.00 4.72 -16.74
N ARG A 316 -28.96 4.32 -18.02
CA ARG A 316 -29.91 4.83 -19.00
C ARG A 316 -31.34 4.49 -18.59
N LYS A 317 -31.55 3.34 -17.96
CA LYS A 317 -32.87 3.00 -17.45
C LYS A 317 -33.17 3.86 -16.22
N LYS A 318 -32.40 3.65 -15.14
CA LYS A 318 -32.56 4.29 -13.84
C LYS A 318 -32.66 5.80 -13.90
N LEU A 319 -32.40 6.39 -15.06
CA LEU A 319 -32.30 7.84 -15.19
C LEU A 319 -32.81 8.28 -16.57
N PHE A 320 -33.84 7.58 -17.08
CA PHE A 320 -34.31 7.73 -18.45
C PHE A 320 -34.51 9.20 -18.87
N SER A 321 -34.79 10.12 -17.94
CA SER A 321 -34.84 11.50 -18.43
C SER A 321 -34.11 12.52 -17.58
N VAL A 322 -33.30 12.12 -16.63
CA VAL A 322 -32.34 13.06 -16.05
C VAL A 322 -31.05 13.08 -16.85
N LEU A 323 -30.74 11.98 -17.54
CA LEU A 323 -29.42 11.71 -18.11
C LEU A 323 -29.38 12.08 -19.59
N PRO A 324 -28.45 12.93 -20.06
CA PRO A 324 -28.48 13.32 -21.48
C PRO A 324 -28.28 12.12 -22.39
N ILE A 325 -28.49 12.33 -23.69
CA ILE A 325 -28.54 11.27 -24.68
C ILE A 325 -27.46 11.54 -25.72
N PHE A 326 -26.68 10.53 -26.05
CA PHE A 326 -25.74 10.70 -27.15
C PHE A 326 -26.47 10.35 -28.43
N SER A 327 -26.36 11.21 -29.42
CA SER A 327 -26.78 10.77 -30.74
C SER A 327 -25.96 9.57 -31.18
N GLU A 328 -26.48 8.81 -32.14
CA GLU A 328 -25.77 7.64 -32.62
C GLU A 328 -24.41 8.03 -33.22
N ALA A 329 -24.26 9.29 -33.60
CA ALA A 329 -23.03 9.80 -34.16
C ALA A 329 -22.09 10.29 -33.07
N GLU A 330 -22.62 10.92 -32.03
CA GLU A 330 -21.82 11.14 -30.85
C GLU A 330 -21.34 9.82 -30.25
N LYS A 331 -22.09 8.72 -30.44
CA LYS A 331 -21.65 7.46 -29.85
C LYS A 331 -20.37 7.00 -30.51
N HIS A 332 -20.26 7.19 -31.84
CA HIS A 332 -19.08 6.73 -32.55
C HIS A 332 -17.87 7.65 -32.36
N GLU A 333 -18.08 8.90 -31.92
CA GLU A 333 -17.01 9.83 -31.62
C GLU A 333 -16.67 9.91 -30.14
N MET A 334 -17.33 9.13 -29.29
CA MET A 334 -16.87 8.93 -27.93
C MET A 334 -16.02 7.66 -27.83
N ARG A 335 -16.50 6.55 -28.39
CA ARG A 335 -15.77 5.29 -28.34
C ARG A 335 -14.33 5.51 -28.82
N GLY A 336 -13.37 5.13 -27.96
CA GLY A 336 -11.97 5.08 -28.33
C GLY A 336 -11.18 6.35 -28.15
N THR A 337 -11.67 7.33 -27.41
CA THR A 337 -10.91 8.56 -27.26
C THR A 337 -9.94 8.51 -26.10
N ALA A 338 -9.31 7.39 -25.84
CA ALA A 338 -8.24 7.37 -24.87
C ALA A 338 -7.19 6.40 -25.40
N ASP A 339 -5.94 6.78 -25.35
CA ASP A 339 -4.87 5.89 -25.75
C ASP A 339 -4.42 4.97 -24.63
N PHE A 340 -5.08 4.99 -23.48
CA PHE A 340 -4.78 4.07 -22.39
C PHE A 340 -5.77 4.37 -21.28
N PHE A 341 -5.86 3.45 -20.33
CA PHE A 341 -6.73 3.63 -19.20
C PHE A 341 -5.94 4.32 -18.10
N ALA A 342 -6.06 5.62 -18.01
CA ALA A 342 -5.62 6.29 -16.80
C ALA A 342 -6.65 6.01 -15.70
N PHE A 343 -6.16 5.56 -14.54
CA PHE A 343 -7.04 5.12 -13.46
C PHE A 343 -6.54 5.72 -12.17
N SER A 344 -7.46 6.33 -11.40
CA SER A 344 -7.17 6.87 -10.08
C SER A 344 -7.88 6.03 -9.02
N PHE A 345 -7.16 5.75 -7.94
CA PHE A 345 -7.62 4.88 -6.86
C PHE A 345 -6.89 5.35 -5.61
N GLY A 346 -7.60 6.07 -4.75
CA GLY A 346 -7.03 6.76 -3.61
C GLY A 346 -8.14 7.40 -2.79
N PRO A 347 -7.78 8.21 -1.80
CA PRO A 347 -8.75 8.54 -0.74
C PRO A 347 -9.93 9.38 -1.21
N ASN A 348 -9.83 10.06 -2.34
CA ASN A 348 -10.90 10.94 -2.75
C ASN A 348 -12.10 10.21 -3.33
N ASN A 349 -11.96 8.96 -3.76
CA ASN A 349 -13.14 8.21 -4.18
C ASN A 349 -13.75 7.44 -3.01
N PHE A 350 -13.16 7.56 -1.83
CA PHE A 350 -13.55 6.78 -0.66
C PHE A 350 -14.14 7.60 0.48
N LYS A 351 -13.65 8.79 0.72
CA LYS A 351 -14.20 9.58 1.79
C LYS A 351 -14.44 10.99 1.29
N PRO A 352 -15.48 11.65 1.82
CA PRO A 352 -16.48 11.28 2.84
C PRO A 352 -17.48 10.23 2.35
N LEU A 353 -18.36 9.75 3.24
CA LEU A 353 -19.19 8.60 2.91
C LEU A 353 -20.15 8.89 1.78
N ASN A 354 -20.49 10.16 1.56
CA ASN A 354 -21.38 10.48 0.47
C ASN A 354 -20.70 10.50 -0.90
N THR A 355 -19.47 10.03 -1.02
CA THR A 355 -18.80 10.14 -2.31
C THR A 355 -19.34 9.11 -3.29
N MET A 356 -19.55 7.90 -2.86
CA MET A 356 -20.20 6.91 -3.71
C MET A 356 -21.37 6.28 -2.99
N ALA A 357 -22.27 5.76 -3.79
CA ALA A 357 -23.33 4.88 -3.35
C ALA A 357 -22.76 3.48 -3.14
N LYS A 358 -22.61 3.06 -1.87
CA LYS A 358 -22.23 1.68 -1.57
C LYS A 358 -23.38 0.66 -1.78
N MET A 359 -24.64 1.11 -1.83
CA MET A 359 -25.85 0.24 -2.02
C MET A 359 -25.89 -0.99 -1.08
N GLY A 360 -25.66 -0.74 0.22
CA GLY A 360 -25.64 -1.80 1.21
C GLY A 360 -24.48 -2.76 1.19
N GLN A 361 -23.60 -2.72 0.19
CA GLN A 361 -22.50 -3.68 0.23
C GLN A 361 -21.22 -3.03 0.80
N ASN A 362 -20.20 -3.85 1.11
CA ASN A 362 -19.06 -3.46 1.94
C ASN A 362 -17.93 -2.78 1.14
N VAL A 363 -17.40 -1.67 1.70
CA VAL A 363 -16.32 -0.90 1.05
C VAL A 363 -15.01 -1.71 1.02
N SER A 364 -14.16 -1.44 0.01
CA SER A 364 -12.96 -2.24 -0.18
C SER A 364 -11.80 -1.44 -0.79
N LEU A 365 -10.59 -1.66 -0.26
CA LEU A 365 -9.36 -1.05 -0.78
C LEU A 365 -8.59 -1.99 -1.70
N ASN A 366 -9.24 -3.03 -2.21
CA ASN A 366 -8.53 -4.06 -2.97
C ASN A 366 -8.33 -3.57 -4.41
N LEU A 367 -7.12 -3.07 -4.66
CA LEU A 367 -6.78 -2.52 -5.97
C LEU A 367 -6.67 -3.61 -7.02
N ARG A 368 -6.27 -4.80 -6.62
CA ARG A 368 -6.10 -5.88 -7.60
C ARG A 368 -7.44 -6.23 -8.25
N GLU A 369 -8.48 -6.39 -7.41
CA GLU A 369 -9.80 -6.66 -7.95
C GLU A 369 -10.30 -5.52 -8.82
N ALA A 370 -10.19 -4.29 -8.32
CA ALA A 370 -10.56 -3.14 -9.16
C ALA A 370 -9.91 -3.24 -10.55
N LEU A 371 -8.59 -3.47 -10.61
CA LEU A 371 -7.89 -3.56 -11.89
C LEU A 371 -8.45 -4.69 -12.72
N ASN A 372 -8.80 -5.77 -12.05
CA ASN A 372 -9.42 -6.89 -12.73
C ASN A 372 -10.77 -6.51 -13.30
N TRP A 373 -11.50 -5.66 -12.58
CA TRP A 373 -12.81 -5.25 -13.05
C TRP A 373 -12.68 -4.47 -14.33
N ILE A 374 -11.71 -3.52 -14.37
CA ILE A 374 -11.36 -2.77 -15.59
C ILE A 374 -10.98 -3.70 -16.75
N LYS A 375 -10.19 -4.74 -16.46
CA LYS A 375 -9.79 -5.69 -17.48
C LYS A 375 -10.98 -6.40 -18.13
N LEU A 376 -11.93 -6.84 -17.31
CA LEU A 376 -13.07 -7.54 -17.90
C LEU A 376 -14.04 -6.58 -18.58
N GLU A 377 -14.42 -5.49 -17.91
CA GLU A 377 -15.34 -4.50 -18.49
C GLU A 377 -14.86 -3.98 -19.83
N TYR A 378 -13.64 -3.44 -19.86
CA TYR A 378 -13.16 -2.70 -21.02
C TYR A 378 -12.15 -3.47 -21.84
N ASN A 379 -12.12 -4.79 -21.66
CA ASN A 379 -11.40 -5.70 -22.56
C ASN A 379 -9.89 -5.53 -22.54
N ASN A 380 -9.32 -5.70 -21.36
CA ASN A 380 -7.89 -5.73 -21.13
C ASN A 380 -7.10 -4.62 -21.83
N PRO A 381 -7.38 -3.36 -21.52
CA PRO A 381 -6.62 -2.23 -22.06
C PRO A 381 -5.28 -2.05 -21.35
N ARG A 382 -4.48 -1.10 -21.83
CA ARG A 382 -3.27 -0.77 -21.09
C ARG A 382 -3.61 0.24 -20.01
N ILE A 383 -3.17 -0.03 -18.79
CA ILE A 383 -3.52 0.77 -17.61
C ILE A 383 -2.28 1.51 -17.17
N LEU A 384 -2.41 2.82 -16.97
CA LEU A 384 -1.51 3.59 -16.13
C LEU A 384 -2.21 3.90 -14.83
N ILE A 385 -1.65 3.50 -13.69
CA ILE A 385 -2.18 4.00 -12.41
C ILE A 385 -1.87 5.49 -12.29
N ALA A 386 -2.83 6.38 -12.56
CA ALA A 386 -2.49 7.80 -12.56
C ALA A 386 -2.45 8.46 -11.17
N GLU A 387 -3.06 7.84 -10.17
CA GLU A 387 -2.99 8.36 -8.81
C GLU A 387 -3.27 7.19 -7.88
N ASN A 388 -2.43 7.03 -6.85
CA ASN A 388 -2.58 5.95 -5.89
C ASN A 388 -1.85 6.34 -4.62
N GLY A 389 -2.49 6.06 -3.51
CA GLY A 389 -1.89 6.30 -2.22
C GLY A 389 -2.95 6.45 -1.18
N TRP A 390 -2.53 6.85 0.00
CA TRP A 390 -3.49 7.11 1.06
C TRP A 390 -3.17 8.47 1.66
N PHE A 391 -3.36 8.62 2.98
CA PHE A 391 -3.15 9.91 3.64
C PHE A 391 -2.78 9.61 5.07
N THR A 392 -2.15 10.57 5.71
CA THR A 392 -1.64 10.41 7.05
C THR A 392 -2.07 11.65 7.79
N ASP A 393 -2.12 11.55 9.11
CA ASP A 393 -2.66 12.69 9.84
C ASP A 393 -1.65 13.82 9.83
N SER A 394 -2.17 15.04 9.97
CA SER A 394 -1.30 16.16 9.64
C SER A 394 -0.25 16.42 10.71
N ARG A 395 -0.35 15.82 11.91
CA ARG A 395 0.73 15.96 12.88
C ARG A 395 1.86 14.97 12.67
N VAL A 396 1.67 13.93 11.86
CA VAL A 396 2.83 13.15 11.43
C VAL A 396 3.66 14.02 10.50
N LYS A 397 4.97 14.11 10.79
CA LYS A 397 5.84 14.93 9.96
C LYS A 397 6.57 14.04 8.95
N THR A 398 7.70 13.41 9.35
CA THR A 398 8.51 12.68 8.38
C THR A 398 8.52 11.17 8.61
N GLU A 399 8.05 10.70 9.75
CA GLU A 399 8.08 9.28 10.10
C GLU A 399 6.72 8.65 9.80
N ASP A 400 6.43 8.48 8.51
CA ASP A 400 5.09 8.05 8.07
C ASP A 400 5.05 6.52 7.88
N THR A 401 5.16 5.81 8.99
CA THR A 401 5.31 4.35 8.97
C THR A 401 4.17 3.68 8.20
N THR A 402 2.92 4.04 8.51
CA THR A 402 1.80 3.39 7.83
C THR A 402 1.83 3.69 6.33
N ALA A 403 2.28 4.89 5.96
CA ALA A 403 2.35 5.22 4.55
C ALA A 403 3.21 4.22 3.79
N ILE A 404 4.30 3.74 4.42
CA ILE A 404 5.14 2.74 3.79
C ILE A 404 4.38 1.44 3.55
N TYR A 405 3.63 0.99 4.56
CA TYR A 405 2.93 -0.29 4.44
C TYR A 405 1.72 -0.20 3.53
N MET A 406 1.00 0.93 3.55
CA MET A 406 -0.01 1.16 2.52
C MET A 406 0.64 1.16 1.13
N MET A 407 1.84 1.70 1.00
CA MET A 407 2.38 1.72 -0.34
C MET A 407 2.78 0.32 -0.76
N LYS A 408 3.38 -0.41 0.18
CA LYS A 408 3.78 -1.80 -0.04
C LYS A 408 2.58 -2.67 -0.45
N ASN A 409 1.46 -2.53 0.28
CA ASN A 409 0.24 -3.28 -0.02
C ASN A 409 -0.33 -2.93 -1.39
N PHE A 410 -0.49 -1.64 -1.69
CA PHE A 410 -0.93 -1.25 -3.03
C PHE A 410 0.00 -1.82 -4.12
N LEU A 411 1.32 -1.59 -3.99
CA LEU A 411 2.25 -2.10 -4.99
C LEU A 411 2.16 -3.62 -5.13
N SER A 412 2.01 -4.32 -4.02
CA SER A 412 1.87 -5.76 -4.13
C SER A 412 0.63 -6.13 -4.95
N GLN A 413 -0.49 -5.44 -4.73
CA GLN A 413 -1.68 -5.77 -5.50
C GLN A 413 -1.47 -5.49 -6.98
N VAL A 414 -0.72 -4.44 -7.31
CA VAL A 414 -0.47 -4.19 -8.72
C VAL A 414 0.39 -5.30 -9.31
N LEU A 415 1.40 -5.78 -8.56
CA LEU A 415 2.26 -6.85 -9.09
C LEU A 415 1.48 -8.15 -9.29
N GLN A 416 0.63 -8.50 -8.33
CA GLN A 416 -0.30 -9.62 -8.53
C GLN A 416 -1.15 -9.44 -9.78
N ALA A 417 -1.70 -8.23 -9.97
CA ALA A 417 -2.52 -7.96 -11.15
C ALA A 417 -1.75 -8.21 -12.43
N ILE A 418 -0.50 -7.74 -12.48
CA ILE A 418 0.30 -7.91 -13.67
C ILE A 418 0.64 -9.38 -13.89
N ARG A 419 1.08 -10.07 -12.82
CA ARG A 419 1.63 -11.42 -12.93
C ARG A 419 0.58 -12.51 -12.90
N LEU A 420 -0.31 -12.46 -11.94
CA LEU A 420 -1.34 -13.49 -11.86
C LEU A 420 -2.44 -13.28 -12.90
N ASP A 421 -2.87 -12.04 -13.12
CA ASP A 421 -4.08 -11.84 -13.91
C ASP A 421 -3.81 -11.32 -15.32
N GLU A 422 -2.56 -10.99 -15.64
CA GLU A 422 -2.13 -10.53 -16.95
C GLU A 422 -2.68 -9.14 -17.27
N ILE A 423 -2.77 -8.28 -16.28
CA ILE A 423 -3.36 -6.98 -16.49
C ILE A 423 -2.25 -6.03 -16.93
N ARG A 424 -2.46 -5.35 -18.05
CA ARG A 424 -1.44 -4.54 -18.70
C ARG A 424 -1.18 -3.22 -17.99
N VAL A 425 -0.73 -3.31 -16.74
CA VAL A 425 -0.37 -2.11 -16.00
C VAL A 425 1.06 -1.73 -16.35
N PHE A 426 1.22 -0.66 -17.15
CA PHE A 426 2.55 -0.21 -17.53
C PHE A 426 3.17 0.84 -16.61
N GLY A 427 2.42 1.49 -15.72
CA GLY A 427 3.05 2.49 -14.88
C GLY A 427 2.33 2.81 -13.57
N TYR A 428 3.10 3.41 -12.64
CA TYR A 428 2.58 3.71 -11.32
C TYR A 428 2.98 5.13 -10.96
N THR A 429 1.97 5.94 -10.56
CA THR A 429 2.11 7.31 -10.07
C THR A 429 1.86 7.30 -8.58
N ALA A 430 2.93 7.32 -7.80
CA ALA A 430 2.71 7.55 -6.38
C ALA A 430 2.09 8.93 -6.23
N TRP A 431 1.45 9.16 -5.09
CA TRP A 431 0.70 10.39 -4.89
C TRP A 431 0.80 10.81 -3.42
N SER A 432 1.21 12.04 -3.11
CA SER A 432 1.72 13.03 -4.04
C SER A 432 3.19 13.41 -3.69
N LEU A 433 3.82 14.21 -4.58
CA LEU A 433 5.22 14.55 -4.37
C LEU A 433 5.42 15.26 -3.04
N LEU A 434 4.52 16.18 -2.69
CA LEU A 434 4.79 16.95 -1.50
C LEU A 434 3.47 17.34 -0.86
N ASP A 435 3.52 17.62 0.44
CA ASP A 435 2.34 18.04 1.16
C ASP A 435 1.74 19.31 0.58
N GLY A 436 0.43 19.33 0.44
CA GLY A 436 -0.20 20.56 0.05
C GLY A 436 -1.61 20.69 0.59
N PHE A 437 -2.37 21.53 -0.08
CA PHE A 437 -3.73 21.82 0.28
C PHE A 437 -4.62 20.72 -0.28
N GLU A 438 -5.29 19.96 0.59
CA GLU A 438 -5.99 18.76 0.16
C GLU A 438 -7.49 19.02 0.06
N TRP A 439 -7.86 19.88 -0.88
CA TRP A 439 -9.25 20.23 -1.22
C TRP A 439 -10.03 20.55 0.06
N GLN A 440 -11.22 20.01 0.26
CA GLN A 440 -12.03 20.44 1.39
C GLN A 440 -11.39 20.08 2.72
N ASP A 441 -10.47 19.12 2.74
CA ASP A 441 -9.80 18.84 4.00
C ASP A 441 -8.71 19.85 4.33
N ALA A 442 -8.37 20.76 3.41
CA ALA A 442 -7.27 21.73 3.58
C ALA A 442 -5.94 21.08 3.99
N TYR A 443 -5.43 21.43 5.16
CA TYR A 443 -4.18 20.88 5.67
C TYR A 443 -4.41 19.94 6.86
N THR A 444 -5.59 19.30 6.93
CA THR A 444 -5.84 18.34 8.01
C THR A 444 -5.38 16.93 7.68
N ILE A 445 -4.92 16.66 6.47
CA ILE A 445 -4.30 15.39 6.14
C ILE A 445 -3.09 15.71 5.28
N ARG A 446 -2.11 14.82 5.26
CA ARG A 446 -0.94 14.96 4.40
C ARG A 446 -0.86 13.79 3.42
N ARG A 447 -0.44 14.08 2.17
CA ARG A 447 -0.32 13.00 1.20
C ARG A 447 1.02 12.99 0.47
N GLY A 448 1.92 13.89 0.83
CA GLY A 448 3.17 13.98 0.15
C GLY A 448 4.12 12.91 0.61
N LEU A 449 4.93 12.42 -0.34
CA LEU A 449 6.17 11.73 0.00
C LEU A 449 7.20 12.64 0.64
N PHE A 450 6.99 13.95 0.62
CA PHE A 450 7.92 14.92 1.16
C PHE A 450 7.16 15.85 2.09
N TYR A 451 7.71 16.01 3.30
CA TYR A 451 7.13 16.87 4.31
C TYR A 451 7.35 18.34 3.95
N VAL A 452 6.33 19.15 4.17
CA VAL A 452 6.40 20.61 4.09
C VAL A 452 5.83 21.17 5.38
N ASP A 453 6.67 21.84 6.16
CA ASP A 453 6.17 22.69 7.24
C ASP A 453 5.67 24.03 6.65
N PHE A 454 4.35 24.20 6.60
CA PHE A 454 3.74 25.38 6.00
C PHE A 454 3.90 26.64 6.85
N ASN A 455 4.36 26.53 8.09
CA ASN A 455 4.56 27.73 8.90
C ASN A 455 5.94 28.34 8.72
N SER A 456 6.86 27.66 8.05
CA SER A 456 8.16 28.22 7.73
C SER A 456 8.14 28.89 6.35
N LYS A 457 8.78 30.07 6.25
CA LYS A 457 8.89 30.76 4.96
C LYS A 457 9.67 29.93 3.95
N GLN A 458 10.71 29.24 4.41
CA GLN A 458 11.54 28.47 3.48
C GLN A 458 10.77 27.30 2.86
N LYS A 459 9.79 26.72 3.55
CA LYS A 459 8.93 25.67 2.97
C LYS A 459 9.76 24.51 2.42
N GLU A 460 10.75 24.08 3.17
CA GLU A 460 11.65 23.05 2.68
C GLU A 460 10.91 21.74 2.48
N ARG A 461 11.37 20.97 1.47
CA ARG A 461 10.83 19.65 1.12
C ARG A 461 11.67 18.58 1.79
N LYS A 462 11.21 18.05 2.96
CA LYS A 462 11.98 16.99 3.64
C LYS A 462 11.49 15.61 3.23
N PRO A 463 12.36 14.71 2.78
CA PRO A 463 11.92 13.32 2.53
C PRO A 463 11.36 12.68 3.78
N LYS A 464 10.10 12.25 3.69
CA LYS A 464 9.50 11.33 4.65
C LYS A 464 10.08 9.91 4.49
N SER A 465 9.64 9.02 5.37
CA SER A 465 10.07 7.63 5.32
C SER A 465 9.64 6.95 4.03
N SER A 466 8.44 7.27 3.52
CA SER A 466 8.00 6.72 2.25
C SER A 466 8.81 7.24 1.06
N ALA A 467 9.42 8.42 1.18
CA ALA A 467 10.32 8.88 0.11
C ALA A 467 11.60 8.03 0.05
N HIS A 468 12.21 7.76 1.21
CA HIS A 468 13.25 6.74 1.26
C HIS A 468 12.78 5.40 0.70
N TYR A 469 11.57 4.96 1.09
CA TYR A 469 11.06 3.67 0.68
C TYR A 469 10.77 3.63 -0.83
N TYR A 470 10.08 4.66 -1.35
CA TYR A 470 9.76 4.68 -2.78
C TYR A 470 11.03 4.80 -3.64
N LYS A 471 12.03 5.52 -3.13
CA LYS A 471 13.36 5.56 -3.73
C LYS A 471 13.94 4.15 -3.91
N GLN A 472 13.93 3.35 -2.85
CA GLN A 472 14.54 2.03 -3.01
C GLN A 472 13.68 1.16 -3.91
N ILE A 473 12.36 1.31 -3.81
CA ILE A 473 11.45 0.60 -4.70
C ILE A 473 11.86 0.82 -6.14
N ILE A 474 12.03 2.09 -6.52
CA ILE A 474 12.44 2.40 -7.90
C ILE A 474 13.81 1.82 -8.21
N ARG A 475 14.78 2.02 -7.29
CA ARG A 475 16.13 1.48 -7.53
C ARG A 475 16.07 0.02 -7.88
N GLU A 476 15.31 -0.74 -7.11
CA GLU A 476 15.28 -2.19 -7.32
C GLU A 476 14.20 -2.64 -8.27
N ASN A 477 13.36 -1.72 -8.75
CA ASN A 477 12.25 -2.05 -9.63
C ASN A 477 11.29 -3.03 -8.94
N GLY A 478 11.11 -2.85 -7.65
CA GLY A 478 10.14 -3.65 -6.91
C GLY A 478 10.53 -3.75 -5.45
N PHE A 479 10.17 -4.88 -4.85
CA PHE A 479 10.45 -5.09 -3.44
C PHE A 479 11.91 -5.39 -3.20
N SER A 480 12.49 -4.62 -2.26
CA SER A 480 13.88 -4.76 -1.87
C SER A 480 14.20 -6.23 -1.79
N LEU A 481 14.87 -6.70 -2.83
CA LEU A 481 15.42 -8.03 -2.87
C LEU A 481 16.73 -8.07 -2.09
N LYS A 482 16.89 -7.24 -1.05
CA LYS A 482 18.21 -7.10 -0.45
C LYS A 482 18.39 -7.80 0.90
N GLU A 483 17.35 -7.97 1.69
CA GLU A 483 17.55 -8.79 2.89
C GLU A 483 17.53 -10.31 2.60
N SER A 484 17.64 -10.73 1.33
CA SER A 484 17.46 -12.14 0.90
C SER A 484 18.71 -12.64 0.17
N THR A 485 19.62 -13.22 0.95
CA THR A 485 20.90 -13.74 0.45
C THR A 485 20.69 -15.02 -0.35
N PRO A 486 21.51 -15.25 -1.38
CA PRO A 486 21.34 -16.44 -2.23
C PRO A 486 21.73 -17.75 -1.57
N ASP A 487 20.98 -18.79 -1.93
CA ASP A 487 21.15 -20.17 -1.50
C ASP A 487 22.59 -20.60 -1.37
N VAL A 488 22.88 -21.40 -0.36
CA VAL A 488 24.19 -21.99 -0.19
C VAL A 488 24.11 -23.49 -0.53
N GLN A 489 25.24 -24.04 -0.95
CA GLN A 489 25.36 -25.48 -1.17
C GLN A 489 26.29 -26.01 -0.11
N GLY A 490 25.99 -27.17 0.43
CA GLY A 490 26.69 -27.63 1.60
C GLY A 490 25.81 -28.54 2.41
N GLN A 491 26.34 -28.98 3.57
CA GLN A 491 25.71 -30.04 4.36
C GLN A 491 25.92 -29.80 5.84
N PHE A 492 24.91 -30.18 6.62
CA PHE A 492 25.04 -30.23 8.07
C PHE A 492 25.96 -31.39 8.47
N PRO A 493 26.66 -31.26 9.60
CA PRO A 493 27.53 -32.36 10.06
C PRO A 493 26.75 -33.66 10.20
N CYS A 494 27.45 -34.78 10.05
CA CYS A 494 26.87 -36.12 10.13
C CYS A 494 26.13 -36.39 11.46
N ASP A 495 26.31 -35.55 12.49
CA ASP A 495 25.71 -35.82 13.80
C ASP A 495 24.63 -34.78 14.17
N PHE A 496 24.13 -34.04 13.21
CA PHE A 496 23.06 -33.10 13.44
C PHE A 496 21.79 -33.83 13.88
N SER A 497 21.05 -33.25 14.82
CA SER A 497 19.75 -33.81 15.18
C SER A 497 18.67 -33.32 14.22
N TRP A 498 18.00 -34.27 13.57
CA TRP A 498 16.81 -34.01 12.75
C TRP A 498 15.58 -34.47 13.51
N GLY A 499 14.81 -33.50 14.01
CA GLY A 499 13.73 -33.77 14.92
C GLY A 499 12.35 -33.42 14.36
N VAL A 500 11.36 -33.90 15.08
CA VAL A 500 9.99 -33.45 14.93
C VAL A 500 9.50 -33.28 16.36
N THR A 501 8.59 -32.34 16.56
CA THR A 501 8.08 -32.05 17.89
C THR A 501 6.61 -32.43 17.96
N GLU A 502 6.19 -32.98 19.10
CA GLU A 502 4.79 -32.83 19.46
C GLU A 502 4.67 -32.27 20.87
N SER A 503 3.43 -31.98 21.26
CA SER A 503 3.13 -31.31 22.51
C SER A 503 2.82 -32.34 23.60
N VAL A 504 1.86 -32.04 24.46
CA VAL A 504 1.58 -32.96 25.56
C VAL A 504 0.87 -34.18 25.02
N LEU A 505 1.34 -35.36 25.44
CA LEU A 505 0.65 -36.62 25.19
C LEU A 505 0.07 -37.13 26.50
N LYS A 506 -1.26 -37.42 26.50
CA LYS A 506 -1.73 -37.99 27.77
C LYS A 506 -1.79 -39.51 27.67
N PRO A 507 -1.61 -40.24 28.78
CA PRO A 507 -1.52 -41.70 28.73
C PRO A 507 -2.87 -42.39 28.54
N GLU A 508 -2.81 -43.62 28.03
CA GLU A 508 -3.99 -44.41 27.67
C GLU A 508 -4.36 -45.39 28.79
N CYS A 547 3.30 -53.35 25.57
CA CYS A 547 3.59 -51.96 25.22
C CYS A 547 2.81 -51.51 24.01
N THR A 548 2.91 -52.31 22.95
CA THR A 548 2.04 -52.11 21.79
C THR A 548 0.57 -52.31 22.16
N ASP A 549 0.30 -52.85 23.35
CA ASP A 549 -1.01 -52.77 23.99
C ASP A 549 -1.64 -51.40 23.76
N PHE A 550 -1.06 -50.34 24.35
CA PHE A 550 -1.49 -48.96 24.17
C PHE A 550 -1.72 -48.55 22.72
N VAL A 551 -2.98 -48.28 22.35
CA VAL A 551 -3.30 -47.87 20.98
C VAL A 551 -2.63 -46.56 20.62
N ASN A 552 -2.60 -45.60 21.56
CA ASN A 552 -1.88 -44.36 21.36
C ASN A 552 -0.55 -44.57 20.63
N ILE A 553 0.29 -45.45 21.19
CA ILE A 553 1.70 -45.52 20.76
C ILE A 553 1.82 -46.17 19.38
N LYS A 554 0.89 -47.04 19.03
CA LYS A 554 0.94 -47.64 17.69
C LYS A 554 0.81 -46.58 16.62
N LYS A 555 -0.22 -45.72 16.74
CA LYS A 555 -0.45 -44.73 15.70
C LYS A 555 0.71 -43.74 15.60
N GLN A 556 1.39 -43.47 16.70
CA GLN A 556 2.55 -42.60 16.65
C GLN A 556 3.72 -43.25 15.90
N LEU A 557 4.06 -44.47 16.31
CA LEU A 557 5.10 -45.22 15.62
C LEU A 557 4.84 -45.28 14.12
N GLU A 558 3.58 -45.45 13.72
CA GLU A 558 3.28 -45.46 12.28
C GLU A 558 3.65 -44.13 11.64
N MET A 559 3.54 -43.04 12.39
CA MET A 559 3.93 -41.75 11.84
C MET A 559 5.44 -41.59 11.83
N LEU A 560 6.10 -41.86 12.96
CA LEU A 560 7.55 -41.75 13.02
C LEU A 560 8.26 -42.68 12.05
N ALA A 561 7.67 -43.86 11.76
CA ALA A 561 8.24 -44.77 10.77
C ALA A 561 8.26 -44.18 9.37
N ARG A 562 7.45 -43.18 9.09
CA ARG A 562 7.43 -42.56 7.79
C ARG A 562 8.36 -41.35 7.70
N MET A 563 9.06 -41.04 8.78
CA MET A 563 9.97 -39.91 8.87
C MET A 563 11.40 -40.36 9.08
N LYS A 564 12.32 -39.74 8.37
CA LYS A 564 13.73 -40.07 8.62
C LYS A 564 14.29 -39.18 9.71
N VAL A 565 13.46 -38.79 10.66
CA VAL A 565 14.01 -38.02 11.75
C VAL A 565 14.81 -38.93 12.64
N THR A 566 15.74 -38.35 13.37
CA THR A 566 16.49 -39.10 14.36
C THR A 566 16.08 -38.75 15.79
N HIS A 567 15.39 -37.63 15.97
CA HIS A 567 14.94 -37.28 17.30
C HIS A 567 13.46 -36.99 17.27
N TYR A 568 12.82 -37.20 18.42
CA TYR A 568 11.40 -36.94 18.62
C TYR A 568 11.28 -36.16 19.91
N ARG A 569 10.50 -35.08 19.89
CA ARG A 569 10.36 -34.26 21.09
C ARG A 569 8.89 -34.22 21.49
N PHE A 570 8.59 -34.66 22.72
CA PHE A 570 7.22 -34.75 23.20
C PHE A 570 7.22 -34.38 24.67
N ALA A 571 6.05 -33.96 25.13
CA ALA A 571 5.89 -33.44 26.47
C ALA A 571 5.10 -34.43 27.31
N LEU A 572 5.39 -34.44 28.60
CA LEU A 572 4.58 -35.14 29.59
C LEU A 572 3.53 -34.23 30.19
N ASP A 573 2.51 -34.85 30.79
CA ASP A 573 1.48 -34.11 31.50
C ASP A 573 1.76 -34.19 32.99
N TRP A 574 2.27 -33.10 33.56
CA TRP A 574 2.59 -33.03 34.98
C TRP A 574 1.41 -33.49 35.85
N ALA A 575 0.20 -33.00 35.55
CA ALA A 575 -0.98 -33.39 36.34
C ALA A 575 -1.34 -34.88 36.21
N SER A 576 -0.98 -35.56 35.12
CA SER A 576 -1.27 -37.00 35.03
C SER A 576 -0.26 -37.84 35.82
N VAL A 577 0.98 -37.36 35.96
CA VAL A 577 1.97 -38.15 36.66
C VAL A 577 1.75 -38.03 38.16
N LEU A 578 1.64 -36.81 38.66
CA LEU A 578 1.40 -36.52 40.07
C LEU A 578 0.10 -35.75 40.18
N PRO A 579 -1.05 -36.43 40.22
CA PRO A 579 -2.32 -35.68 40.34
C PRO A 579 -2.40 -34.84 41.61
N THR A 580 -1.76 -35.28 42.70
CA THR A 580 -1.63 -34.49 43.92
C THR A 580 -0.75 -33.28 43.71
N GLY A 581 0.17 -33.35 42.74
CA GLY A 581 1.35 -32.51 42.76
C GLY A 581 2.38 -32.86 43.81
N GLN A 582 2.15 -33.90 44.62
CA GLN A 582 3.11 -34.38 45.61
C GLN A 582 3.47 -35.83 45.33
N LEU A 583 4.72 -36.17 45.64
CA LEU A 583 5.22 -37.52 45.30
C LEU A 583 4.46 -38.60 46.04
N SER A 584 3.73 -38.24 47.09
CA SER A 584 2.92 -39.17 47.86
C SER A 584 1.83 -39.87 47.05
N ALA A 585 1.68 -39.53 45.76
CA ALA A 585 0.59 -40.13 44.96
C ALA A 585 0.99 -40.12 43.49
N VAL A 586 1.88 -41.04 43.14
CA VAL A 586 2.42 -41.14 41.79
C VAL A 586 1.50 -42.03 40.98
N ASN A 587 1.05 -41.55 39.81
CA ASN A 587 0.39 -42.45 38.87
C ASN A 587 1.47 -43.28 38.17
N ARG A 588 1.64 -44.52 38.63
CA ARG A 588 2.68 -45.31 37.99
C ARG A 588 2.26 -45.81 36.62
N GLN A 589 0.96 -45.86 36.32
CA GLN A 589 0.61 -46.30 34.99
C GLN A 589 1.02 -45.25 33.98
N ALA A 590 1.06 -43.99 34.42
CA ALA A 590 1.31 -42.90 33.50
C ALA A 590 2.77 -42.88 33.09
N LEU A 591 3.66 -43.09 34.07
CA LEU A 591 5.06 -43.23 33.74
C LEU A 591 5.30 -44.42 32.81
N ARG A 592 4.58 -45.54 33.02
CA ARG A 592 4.79 -46.72 32.19
C ARG A 592 4.44 -46.45 30.73
N TYR A 593 3.37 -45.68 30.52
CA TYR A 593 2.99 -45.29 29.18
C TYR A 593 4.06 -44.41 28.55
N TYR A 594 4.59 -43.45 29.34
CA TYR A 594 5.65 -42.61 28.83
C TYR A 594 6.89 -43.43 28.52
N ARG A 595 7.27 -44.33 29.43
CA ARG A 595 8.42 -45.18 29.16
C ARG A 595 8.25 -45.94 27.85
N CYS A 596 7.07 -46.56 27.68
CA CYS A 596 6.75 -47.30 26.47
C CYS A 596 6.93 -46.44 25.24
N VAL A 597 6.56 -45.16 25.34
CA VAL A 597 6.77 -44.23 24.23
C VAL A 597 8.25 -44.09 23.94
N VAL A 598 9.08 -43.95 24.97
CA VAL A 598 10.49 -43.80 24.69
C VAL A 598 11.06 -45.09 24.12
N SER A 599 10.70 -46.22 24.74
CA SER A 599 11.35 -47.47 24.35
C SER A 599 10.92 -47.91 22.94
N GLU A 600 9.64 -47.76 22.60
CA GLU A 600 9.27 -48.03 21.23
C GLU A 600 10.04 -47.15 20.25
N GLY A 601 10.27 -45.88 20.62
CA GLY A 601 10.97 -45.00 19.70
C GLY A 601 12.42 -45.38 19.51
N LEU A 602 13.04 -45.94 20.55
CA LEU A 602 14.43 -46.37 20.44
C LEU A 602 14.55 -47.54 19.45
N LYS A 603 13.55 -48.42 19.43
CA LYS A 603 13.47 -49.48 18.44
C LYS A 603 13.44 -48.95 17.02
N LEU A 604 12.87 -47.76 16.82
CA LEU A 604 12.84 -47.15 15.49
C LEU A 604 14.14 -46.46 15.18
N GLY A 605 15.08 -46.54 16.12
CA GLY A 605 16.29 -45.75 16.06
C GLY A 605 16.03 -44.28 16.24
N ILE A 606 15.16 -43.89 17.17
CA ILE A 606 14.81 -42.49 17.39
C ILE A 606 14.97 -42.17 18.86
N SER A 607 15.76 -41.13 19.15
CA SER A 607 16.00 -40.67 20.51
C SER A 607 14.95 -39.65 20.98
N ALA A 608 14.67 -39.67 22.28
CA ALA A 608 13.64 -38.80 22.82
C ALA A 608 14.28 -37.59 23.49
N MET A 609 13.66 -36.43 23.24
CA MET A 609 13.82 -35.23 24.05
C MET A 609 12.50 -34.98 24.77
N VAL A 610 12.49 -35.21 26.09
CA VAL A 610 11.26 -35.15 26.87
C VAL A 610 11.15 -33.79 27.55
N THR A 611 10.00 -33.13 27.35
CA THR A 611 9.64 -31.88 28.00
C THR A 611 8.78 -32.18 29.22
N LEU A 612 9.21 -31.71 30.39
CA LEU A 612 8.48 -32.01 31.63
C LEU A 612 7.17 -31.23 31.71
N TYR A 613 7.22 -29.93 31.39
CA TYR A 613 6.05 -29.06 31.55
C TYR A 613 5.86 -28.19 30.31
N TYR A 614 4.71 -28.31 29.66
CA TYR A 614 4.43 -27.72 28.36
C TYR A 614 3.07 -27.02 28.44
N PRO A 615 3.03 -25.82 29.02
CA PRO A 615 1.74 -25.16 29.23
C PRO A 615 1.16 -24.70 27.91
N THR A 616 -0.15 -24.84 27.77
CA THR A 616 -0.84 -24.41 26.57
C THR A 616 -1.99 -23.53 26.99
N HIS A 617 -2.53 -22.78 26.03
CA HIS A 617 -3.69 -21.97 26.35
C HIS A 617 -4.81 -22.83 26.92
N ALA A 618 -5.08 -23.97 26.25
CA ALA A 618 -6.19 -24.83 26.62
C ALA A 618 -5.96 -25.49 27.98
N HIS A 619 -4.74 -25.88 28.28
CA HIS A 619 -4.43 -26.50 29.57
C HIS A 619 -3.18 -25.87 30.13
N LEU A 620 -3.36 -25.06 31.19
CA LEU A 620 -2.25 -24.50 31.94
C LEU A 620 -1.21 -25.57 32.25
N GLY A 621 -1.69 -26.79 32.61
CA GLY A 621 -0.85 -27.94 32.85
C GLY A 621 -0.56 -28.24 34.32
N LEU A 622 -0.96 -27.35 35.24
CA LEU A 622 -0.66 -27.57 36.65
C LEU A 622 -1.54 -28.67 37.24
N PRO A 623 -0.99 -29.52 38.10
CA PRO A 623 -1.86 -30.30 38.99
C PRO A 623 -2.79 -29.38 39.78
N GLU A 624 -4.08 -29.75 39.85
CA GLU A 624 -5.12 -28.87 40.38
C GLU A 624 -4.77 -28.28 41.75
N PRO A 625 -4.23 -29.03 42.71
CA PRO A 625 -3.86 -28.40 43.99
C PRO A 625 -2.91 -27.22 43.89
N LEU A 626 -1.96 -27.18 42.96
CA LEU A 626 -1.06 -26.03 42.99
C LEU A 626 -1.57 -24.89 42.14
N LEU A 627 -2.47 -25.20 41.19
CA LEU A 627 -3.22 -24.15 40.51
C LEU A 627 -4.07 -23.35 41.50
N HIS A 628 -4.88 -24.06 42.31
CA HIS A 628 -5.76 -23.42 43.31
C HIS A 628 -4.97 -22.79 44.44
N ALA A 629 -3.72 -23.16 44.62
CA ALA A 629 -2.84 -22.51 45.58
C ALA A 629 -1.98 -21.45 44.92
N ASP A 630 -2.54 -20.69 43.97
CA ASP A 630 -1.94 -19.53 43.30
C ASP A 630 -1.01 -19.86 42.12
N GLY A 631 -0.90 -21.14 41.74
CA GLY A 631 -0.03 -21.51 40.63
C GLY A 631 1.37 -20.94 40.74
N TRP A 632 1.84 -20.36 39.64
CA TRP A 632 3.23 -19.92 39.53
C TRP A 632 3.54 -18.66 40.33
N LEU A 633 2.54 -18.05 40.97
CA LEU A 633 2.82 -16.97 41.90
C LEU A 633 3.20 -17.50 43.26
N ASN A 634 2.99 -18.80 43.48
CA ASN A 634 3.33 -19.45 44.72
C ASN A 634 4.74 -20.04 44.63
N PRO A 635 5.72 -19.53 45.40
CA PRO A 635 7.08 -20.07 45.29
C PRO A 635 7.18 -21.56 45.57
N SER A 636 6.22 -22.15 46.27
CA SER A 636 6.27 -23.58 46.49
C SER A 636 5.91 -24.36 45.23
N THR A 637 5.21 -23.73 44.26
CA THR A 637 5.05 -24.40 42.98
C THR A 637 6.42 -24.67 42.33
N ALA A 638 7.46 -23.92 42.68
CA ALA A 638 8.73 -24.28 42.10
C ALA A 638 9.28 -25.56 42.74
N GLU A 639 9.02 -25.79 44.04
CA GLU A 639 9.55 -26.99 44.68
C GLU A 639 8.82 -28.23 44.19
N ALA A 640 7.49 -28.14 44.08
CA ALA A 640 6.72 -29.24 43.51
C ALA A 640 7.30 -29.68 42.17
N PHE A 641 7.66 -28.72 41.32
CA PHE A 641 8.25 -29.04 40.03
C PHE A 641 9.57 -29.81 40.20
N GLN A 642 10.41 -29.40 41.15
CA GLN A 642 11.63 -30.17 41.39
C GLN A 642 11.32 -31.61 41.76
N ALA A 643 10.26 -31.82 42.54
CA ALA A 643 9.89 -33.18 42.89
C ALA A 643 9.49 -33.97 41.64
N TYR A 644 8.72 -33.32 40.78
CA TYR A 644 8.31 -33.92 39.53
C TYR A 644 9.52 -34.21 38.63
N ALA A 645 10.45 -33.25 38.52
CA ALA A 645 11.64 -33.46 37.68
C ALA A 645 12.41 -34.70 38.10
N GLY A 646 12.77 -34.77 39.40
CA GLY A 646 13.48 -35.94 39.91
C GLY A 646 12.77 -37.25 39.62
N LEU A 647 11.46 -37.29 39.83
CA LEU A 647 10.73 -38.49 39.49
C LEU A 647 10.97 -38.87 38.03
N CYS A 648 10.78 -37.93 37.11
CA CYS A 648 10.94 -38.26 35.70
C CYS A 648 12.37 -38.61 35.36
N PHE A 649 13.33 -37.92 35.96
CA PHE A 649 14.73 -38.30 35.74
C PHE A 649 14.96 -39.72 36.24
N GLN A 650 14.38 -40.06 37.39
CA GLN A 650 14.58 -41.38 37.96
C GLN A 650 13.93 -42.46 37.10
N GLU A 651 12.69 -42.24 36.67
CA GLU A 651 12.00 -43.31 36.00
C GLU A 651 12.22 -43.36 34.49
N LEU A 652 12.82 -42.34 33.88
CA LEU A 652 13.06 -42.35 32.43
C LEU A 652 14.51 -42.08 32.03
N GLY A 653 15.37 -41.63 32.95
CA GLY A 653 16.63 -41.02 32.58
C GLY A 653 17.67 -41.98 32.02
N ASP A 654 17.49 -43.27 32.24
CA ASP A 654 18.37 -44.23 31.59
C ASP A 654 18.11 -44.32 30.09
N LEU A 655 16.86 -44.12 29.67
CA LEU A 655 16.46 -44.06 28.27
C LEU A 655 16.66 -42.68 27.66
N VAL A 656 16.40 -41.64 28.45
CA VAL A 656 16.21 -40.28 27.96
C VAL A 656 17.45 -39.47 28.31
N LYS A 657 18.10 -38.95 27.26
CA LYS A 657 19.31 -38.18 27.48
C LYS A 657 19.16 -36.71 27.20
N LEU A 658 18.00 -36.29 26.68
CA LEU A 658 17.69 -34.89 26.44
C LEU A 658 16.41 -34.48 27.18
N TRP A 659 16.50 -33.38 27.91
CA TRP A 659 15.38 -32.85 28.67
C TRP A 659 15.19 -31.35 28.46
N ILE A 660 13.94 -30.97 28.20
CA ILE A 660 13.48 -29.59 28.32
C ILE A 660 12.59 -29.53 29.55
N THR A 661 12.97 -28.70 30.53
CA THR A 661 12.17 -28.54 31.74
C THR A 661 10.82 -27.90 31.42
N ILE A 662 10.83 -26.71 30.81
CA ILE A 662 9.62 -25.97 30.51
C ILE A 662 9.66 -25.46 29.07
N ASN A 663 8.52 -25.58 28.38
CA ASN A 663 8.41 -25.09 27.03
C ASN A 663 7.89 -23.68 27.06
N GLU A 664 8.70 -22.75 26.56
CA GLU A 664 8.35 -21.33 26.45
C GLU A 664 7.80 -20.73 27.73
N PRO A 665 8.59 -20.72 28.81
CA PRO A 665 8.14 -20.03 30.03
C PRO A 665 8.06 -18.52 29.87
N ASN A 666 8.81 -17.97 28.92
CA ASN A 666 8.81 -16.53 28.70
C ASN A 666 7.47 -16.08 28.15
N ARG A 667 6.81 -16.91 27.38
CA ARG A 667 5.48 -16.54 26.95
C ARG A 667 4.40 -16.93 27.94
N LEU A 668 4.77 -17.46 29.09
CA LEU A 668 3.75 -17.77 30.09
C LEU A 668 3.34 -16.54 30.90
N SER A 669 4.03 -15.41 30.73
CA SER A 669 3.64 -14.16 31.37
C SER A 669 2.18 -13.80 31.11
N ASP A 670 1.70 -14.06 29.89
CA ASP A 670 0.37 -13.62 29.46
C ASP A 670 -0.75 -14.28 30.26
N ILE A 671 -0.56 -15.52 30.73
CA ILE A 671 -1.55 -16.12 31.63
C ILE A 671 -1.68 -15.31 32.91
N TYR A 672 -0.59 -14.70 33.36
CA TYR A 672 -0.60 -13.85 34.55
C TYR A 672 -0.80 -12.38 34.17
N ASN A 673 -1.86 -12.17 33.37
CA ASN A 673 -2.03 -10.92 32.63
C ASN A 673 -2.11 -9.71 33.57
N ARG A 674 -2.82 -9.84 34.70
CA ARG A 674 -3.18 -8.75 35.63
C ARG A 674 -2.03 -7.83 36.00
N SER A 675 -1.50 -7.92 37.23
CA SER A 675 -0.47 -6.96 37.62
C SER A 675 0.74 -7.08 36.71
N GLY A 676 1.42 -5.97 36.49
CA GLY A 676 2.72 -6.05 35.86
C GLY A 676 3.71 -6.72 36.77
N ASN A 677 3.60 -6.46 38.08
CA ASN A 677 4.40 -7.20 39.04
C ASN A 677 3.91 -8.66 39.18
N ASP A 678 2.68 -8.96 38.77
CA ASP A 678 2.26 -10.37 38.77
C ASP A 678 3.06 -11.18 37.74
N THR A 679 3.19 -10.67 36.50
CA THR A 679 3.87 -11.47 35.48
C THR A 679 5.36 -11.63 35.77
N TYR A 680 5.97 -10.64 36.41
CA TYR A 680 7.38 -10.72 36.75
C TYR A 680 7.62 -11.71 37.88
N GLY A 681 6.67 -11.81 38.81
CA GLY A 681 6.86 -12.72 39.93
C GLY A 681 6.74 -14.16 39.48
N ALA A 682 5.68 -14.44 38.70
CA ALA A 682 5.49 -15.76 38.13
C ALA A 682 6.70 -16.20 37.32
N ALA A 683 7.32 -15.25 36.61
CA ALA A 683 8.50 -15.59 35.86
C ALA A 683 9.69 -15.85 36.77
N HIS A 684 9.72 -15.23 37.94
CA HIS A 684 10.79 -15.51 38.86
C HIS A 684 10.69 -16.95 39.38
N ASN A 685 9.47 -17.37 39.72
CA ASN A 685 9.31 -18.74 40.18
C ASN A 685 9.52 -19.74 39.06
N LEU A 686 9.27 -19.32 37.82
CA LEU A 686 9.53 -20.20 36.70
C LEU A 686 11.03 -20.41 36.50
N LEU A 687 11.83 -19.35 36.70
CA LEU A 687 13.27 -19.52 36.63
C LEU A 687 13.78 -20.41 37.75
N VAL A 688 13.23 -20.25 38.94
CA VAL A 688 13.67 -21.07 40.06
C VAL A 688 13.31 -22.54 39.83
N ALA A 689 12.07 -22.81 39.40
CA ALA A 689 11.71 -24.19 39.08
C ALA A 689 12.77 -24.83 38.21
N HIS A 690 13.15 -24.14 37.11
CA HIS A 690 14.13 -24.72 36.20
C HIS A 690 15.46 -24.95 36.90
N ALA A 691 15.96 -23.95 37.61
CA ALA A 691 17.27 -24.12 38.24
C ALA A 691 17.23 -25.20 39.33
N LEU A 692 16.09 -25.41 39.99
CA LEU A 692 16.04 -26.49 40.98
C LEU A 692 16.00 -27.86 40.29
N ALA A 693 15.21 -27.97 39.23
CA ALA A 693 15.17 -29.21 38.50
C ALA A 693 16.54 -29.54 37.90
N TRP A 694 17.24 -28.51 37.41
CA TRP A 694 18.48 -28.75 36.68
C TRP A 694 19.59 -29.13 37.62
N ARG A 695 19.61 -28.50 38.80
CA ARG A 695 20.65 -28.84 39.77
C ARG A 695 20.43 -30.24 40.34
N LEU A 696 19.17 -30.62 40.54
CA LEU A 696 18.87 -31.98 40.94
C LEU A 696 19.45 -32.97 39.93
N TYR A 697 19.23 -32.72 38.64
CA TYR A 697 19.80 -33.57 37.60
C TYR A 697 21.32 -33.57 37.65
N ASP A 698 21.91 -32.38 37.73
CA ASP A 698 23.38 -32.26 37.68
C ASP A 698 24.03 -33.00 38.84
N ARG A 699 23.40 -33.00 40.00
CA ARG A 699 24.00 -33.59 41.18
C ARG A 699 23.70 -35.07 41.28
N GLN A 700 22.43 -35.43 41.15
CA GLN A 700 21.99 -36.76 41.46
C GLN A 700 21.75 -37.65 40.23
N PHE A 701 21.65 -37.10 39.04
CA PHE A 701 21.30 -37.97 37.92
C PHE A 701 22.27 -37.92 36.73
N ARG A 702 23.01 -36.80 36.51
CA ARG A 702 23.93 -36.77 35.39
C ARG A 702 25.05 -37.80 35.50
N PRO A 703 25.74 -37.96 36.65
CA PRO A 703 26.83 -38.97 36.71
C PRO A 703 26.42 -40.31 36.14
N SER A 704 25.33 -40.88 36.65
CA SER A 704 24.80 -42.15 36.13
C SER A 704 24.26 -42.02 34.71
N GLN A 705 23.53 -40.95 34.38
CA GLN A 705 22.75 -41.00 33.15
C GLN A 705 23.40 -40.25 32.00
N ARG A 706 24.29 -39.31 32.30
CA ARG A 706 25.11 -38.63 31.28
C ARG A 706 24.24 -37.99 30.17
N GLY A 707 23.11 -37.39 30.57
CA GLY A 707 22.24 -36.68 29.66
C GLY A 707 22.33 -35.18 29.84
N ALA A 708 21.53 -34.45 29.06
CA ALA A 708 21.60 -32.99 29.02
C ALA A 708 20.22 -32.38 29.26
N VAL A 709 20.21 -31.18 29.84
CA VAL A 709 18.96 -30.58 30.33
C VAL A 709 18.94 -29.08 30.05
N SER A 710 17.86 -28.61 29.44
CA SER A 710 17.68 -27.16 29.30
C SER A 710 16.19 -26.83 29.28
N LEU A 711 15.86 -25.67 28.70
CA LEU A 711 14.49 -25.19 28.54
C LEU A 711 14.34 -24.47 27.21
N SER A 712 13.11 -24.41 26.74
CA SER A 712 12.80 -23.79 25.46
C SER A 712 12.33 -22.37 25.67
N LEU A 713 12.95 -21.42 24.97
CA LEU A 713 12.43 -20.06 24.96
C LEU A 713 11.75 -19.79 23.62
N HIS A 714 10.58 -19.17 23.68
CA HIS A 714 10.00 -18.60 22.47
C HIS A 714 10.88 -17.47 22.00
N ALA A 715 11.26 -17.50 20.73
CA ALA A 715 12.25 -16.56 20.26
C ALA A 715 11.99 -16.19 18.80
N ASP A 716 10.83 -15.58 18.55
CA ASP A 716 10.63 -14.84 17.30
C ASP A 716 11.63 -13.70 17.15
N TRP A 717 12.10 -13.49 15.93
CA TRP A 717 12.99 -12.38 15.63
C TRP A 717 12.20 -11.07 15.55
N ALA A 718 12.90 -9.96 15.70
CA ALA A 718 12.25 -8.65 15.58
C ALA A 718 13.07 -7.71 14.71
N GLU A 719 12.41 -7.07 13.76
CA GLU A 719 12.98 -5.99 12.98
C GLU A 719 12.16 -4.72 13.15
N PRO A 720 12.73 -3.56 12.85
CA PRO A 720 11.97 -2.31 12.93
C PRO A 720 10.83 -2.30 11.92
N ALA A 721 9.66 -1.86 12.37
CA ALA A 721 8.58 -1.63 11.43
C ALA A 721 9.00 -0.57 10.40
N ASN A 722 9.31 0.64 10.89
CA ASN A 722 9.80 1.70 10.04
C ASN A 722 11.31 1.69 10.14
N PRO A 723 12.04 1.23 9.10
CA PRO A 723 13.49 1.13 9.19
C PRO A 723 14.24 2.43 9.04
N TYR A 724 13.57 3.57 8.85
CA TYR A 724 14.20 4.88 8.83
C TYR A 724 14.04 5.62 10.15
N ALA A 725 13.49 4.96 11.16
CA ALA A 725 13.29 5.54 12.47
C ALA A 725 14.29 4.92 13.44
N ASP A 726 15.32 5.69 13.83
CA ASP A 726 16.28 5.17 14.81
C ASP A 726 15.53 4.63 16.04
N SER A 727 14.37 5.19 16.37
CA SER A 727 13.60 4.71 17.52
C SER A 727 13.02 3.32 17.31
N HIS A 728 12.76 2.92 16.07
CA HIS A 728 12.25 1.58 15.81
C HIS A 728 13.35 0.54 15.81
N TRP A 729 14.58 0.91 15.45
CA TRP A 729 15.69 -0.01 15.68
C TRP A 729 15.84 -0.32 17.16
N ARG A 730 15.75 0.71 18.00
CA ARG A 730 15.94 0.50 19.41
C ARG A 730 14.80 -0.33 19.99
N ALA A 731 13.58 -0.13 19.48
CA ALA A 731 12.47 -0.98 19.90
C ALA A 731 12.68 -2.46 19.52
N ALA A 732 13.40 -2.75 18.43
CA ALA A 732 13.59 -4.14 18.04
C ALA A 732 14.56 -4.85 18.98
N GLU A 733 15.54 -4.12 19.50
CA GLU A 733 16.44 -4.72 20.45
C GLU A 733 15.76 -4.84 21.81
N ARG A 734 14.94 -3.85 22.17
CA ARG A 734 14.26 -3.94 23.46
C ARG A 734 13.31 -5.13 23.47
N PHE A 735 12.71 -5.43 22.32
CA PHE A 735 11.81 -6.57 22.22
C PHE A 735 12.56 -7.86 22.52
N LEU A 736 13.72 -8.03 21.91
CA LEU A 736 14.52 -9.22 22.16
C LEU A 736 14.98 -9.28 23.61
N GLN A 737 15.29 -8.13 24.21
CA GLN A 737 15.61 -8.14 25.63
C GLN A 737 14.45 -8.71 26.42
N PHE A 738 13.29 -8.09 26.30
CA PHE A 738 12.13 -8.55 27.02
C PHE A 738 11.69 -9.96 26.65
N GLU A 739 12.10 -10.49 25.48
CA GLU A 739 11.62 -11.80 25.03
C GLU A 739 12.59 -12.92 25.37
N ILE A 740 13.87 -12.76 25.04
CA ILE A 740 14.82 -13.81 25.23
C ILE A 740 15.70 -13.56 26.45
N ALA A 741 16.31 -12.38 26.54
CA ALA A 741 17.27 -12.12 27.62
C ALA A 741 16.62 -12.16 29.00
N TRP A 742 15.33 -11.88 29.10
CA TRP A 742 14.59 -12.03 30.35
C TRP A 742 14.91 -13.35 31.08
N PHE A 743 14.82 -14.48 30.39
CA PHE A 743 15.23 -15.76 30.98
C PHE A 743 16.69 -16.11 30.66
N ALA A 744 17.16 -15.81 29.43
CA ALA A 744 18.47 -16.29 28.98
C ALA A 744 19.61 -15.68 29.79
N GLU A 745 19.50 -14.39 30.15
CA GLU A 745 20.58 -13.73 30.88
C GLU A 745 20.85 -14.37 32.23
N PRO A 746 19.86 -14.54 33.13
CA PRO A 746 20.17 -15.20 34.42
C PRO A 746 20.65 -16.63 34.23
N LEU A 747 19.84 -17.46 33.53
CA LEU A 747 20.15 -18.89 33.45
C LEU A 747 21.40 -19.17 32.60
N PHE A 748 21.72 -18.34 31.59
CA PHE A 748 22.89 -18.69 30.77
C PHE A 748 24.16 -18.03 31.27
N LYS A 749 24.11 -16.73 31.50
CA LYS A 749 25.30 -15.87 31.54
C LYS A 749 25.63 -15.31 32.93
N THR A 750 24.67 -14.70 33.63
CA THR A 750 25.00 -13.89 34.80
C THR A 750 24.19 -14.15 36.06
N GLY A 751 23.17 -14.99 36.02
CA GLY A 751 22.43 -15.15 37.26
C GLY A 751 21.51 -14.01 37.64
N ASP A 752 21.32 -13.02 36.77
CA ASP A 752 20.39 -11.93 37.07
C ASP A 752 19.74 -11.48 35.76
N TYR A 753 18.67 -10.70 35.90
CA TYR A 753 17.93 -10.15 34.77
C TYR A 753 18.85 -9.29 33.89
N PRO A 754 18.55 -9.19 32.59
CA PRO A 754 19.42 -8.40 31.72
C PRO A 754 19.35 -6.94 32.13
N ALA A 755 20.48 -6.24 31.96
CA ALA A 755 20.55 -4.85 32.37
C ALA A 755 19.50 -4.01 31.65
N ALA A 756 19.46 -4.15 30.33
CA ALA A 756 18.50 -3.42 29.51
C ALA A 756 17.10 -3.45 30.10
N MET A 757 16.66 -4.62 30.56
CA MET A 757 15.29 -4.73 31.04
C MET A 757 15.11 -4.01 32.38
N ARG A 758 16.01 -4.28 33.35
CA ARG A 758 15.89 -3.65 34.67
C ARG A 758 15.94 -2.14 34.55
N GLU A 759 16.88 -1.65 33.69
CA GLU A 759 17.14 -0.22 33.51
C GLU A 759 16.01 0.50 32.77
N TYR A 760 15.38 -0.17 31.79
CA TYR A 760 14.25 0.45 31.09
C TYR A 760 13.05 0.52 32.01
N ILE A 761 12.75 -0.57 32.72
CA ILE A 761 11.64 -0.55 33.65
C ILE A 761 11.90 0.46 34.74
N ALA A 762 13.18 0.83 34.93
CA ALA A 762 13.52 1.91 35.85
C ALA A 762 12.90 3.24 35.40
N SER A 763 13.14 3.64 34.14
CA SER A 763 12.68 4.96 33.69
C SER A 763 11.16 5.10 33.77
N LYS A 764 10.41 4.21 33.12
CA LYS A 764 8.96 4.39 33.07
C LYS A 764 8.28 4.23 34.45
N HIS A 765 9.03 3.89 35.50
CA HIS A 765 8.54 3.98 36.88
C HIS A 765 9.13 5.16 37.64
N ARG A 766 10.37 5.57 37.33
CA ARG A 766 10.89 6.86 37.78
C ARG A 766 10.28 8.03 37.03
N ARG A 767 9.49 7.77 35.98
CA ARG A 767 8.79 8.80 35.23
C ARG A 767 7.26 8.63 35.33
N GLY A 768 6.76 8.16 36.47
CA GLY A 768 5.34 8.21 36.79
C GLY A 768 4.38 7.45 35.88
N LEU A 769 4.87 6.52 35.06
CA LEU A 769 4.03 5.80 34.12
C LEU A 769 3.70 4.38 34.56
N SER A 770 4.49 3.79 35.45
CA SER A 770 4.25 2.39 35.82
C SER A 770 4.60 2.14 37.27
N SER A 771 3.67 1.50 37.97
CA SER A 771 3.81 1.05 39.35
C SER A 771 4.41 -0.36 39.45
N SER A 772 5.25 -0.74 38.49
CA SER A 772 5.84 -2.07 38.50
C SER A 772 7.32 -1.95 38.79
N ALA A 773 7.80 -2.84 39.64
CA ALA A 773 9.20 -2.99 39.91
C ALA A 773 9.60 -4.39 39.47
N LEU A 774 10.77 -4.49 38.81
CA LEU A 774 11.48 -5.73 38.52
C LEU A 774 12.40 -6.02 39.69
N PRO A 775 11.96 -6.86 40.62
CA PRO A 775 12.70 -7.04 41.87
C PRO A 775 14.13 -7.53 41.63
N ARG A 776 15.10 -6.88 42.28
CA ARG A 776 16.47 -7.35 42.30
C ARG A 776 16.53 -8.74 42.94
N LEU A 777 17.58 -9.50 42.63
CA LEU A 777 17.66 -10.89 43.07
C LEU A 777 18.80 -11.11 44.08
N THR A 778 18.46 -11.75 45.22
CA THR A 778 19.44 -12.04 46.27
C THR A 778 20.67 -12.69 45.66
N GLU A 779 21.85 -12.42 46.26
CA GLU A 779 23.07 -13.08 45.79
C GLU A 779 22.96 -14.59 45.89
N ALA A 780 22.12 -15.09 46.81
CA ALA A 780 21.70 -16.49 46.81
C ALA A 780 20.85 -16.80 45.58
N GLU A 781 19.82 -15.96 45.32
CA GLU A 781 19.01 -16.16 44.12
C GLU A 781 19.87 -16.11 42.86
N ARG A 782 20.77 -15.12 42.76
CA ARG A 782 21.73 -15.10 41.65
C ARG A 782 22.50 -16.41 41.55
N ARG A 783 23.06 -16.88 42.67
CA ARG A 783 23.91 -18.08 42.61
C ARG A 783 23.15 -19.28 42.08
N LEU A 784 21.89 -19.45 42.51
CA LEU A 784 21.10 -20.62 42.13
C LEU A 784 20.90 -20.71 40.63
N LEU A 785 20.55 -19.59 39.98
CA LEU A 785 20.11 -19.64 38.60
C LEU A 785 21.25 -19.60 37.60
N LYS A 786 22.42 -19.11 38.00
CA LYS A 786 23.52 -18.87 37.08
C LYS A 786 24.13 -20.17 36.56
N GLY A 787 24.19 -20.30 35.24
CA GLY A 787 24.88 -21.43 34.65
C GLY A 787 24.10 -22.70 34.61
N THR A 788 22.78 -22.65 34.69
CA THR A 788 22.01 -23.89 34.80
C THR A 788 21.39 -24.31 33.49
N VAL A 789 22.15 -24.45 32.42
CA VAL A 789 21.62 -24.96 31.15
C VAL A 789 22.73 -25.73 30.45
N ASP A 790 22.39 -26.87 29.90
CA ASP A 790 23.38 -27.63 29.15
C ASP A 790 23.50 -27.21 27.70
N PHE A 791 22.53 -26.48 27.16
CA PHE A 791 22.53 -26.06 25.76
C PHE A 791 21.42 -25.03 25.68
N CYS A 792 21.34 -24.37 24.53
CA CYS A 792 20.38 -23.33 24.30
C CYS A 792 19.32 -23.85 23.33
N ALA A 793 18.05 -23.69 23.71
CA ALA A 793 16.94 -24.25 22.97
C ALA A 793 15.99 -23.12 22.62
N LEU A 794 15.58 -23.04 21.37
CA LEU A 794 14.86 -21.90 20.82
C LEU A 794 13.68 -22.39 20.02
N ASN A 795 12.50 -21.86 20.29
CA ASN A 795 11.33 -22.12 19.44
C ASN A 795 11.18 -20.89 18.54
N HIS A 796 11.52 -21.03 17.26
CA HIS A 796 11.49 -19.90 16.34
C HIS A 796 10.47 -20.16 15.24
N PHE A 797 9.56 -19.22 15.06
CA PHE A 797 8.56 -19.36 14.03
C PHE A 797 8.61 -18.24 13.01
N THR A 798 8.70 -16.99 13.45
CA THR A 798 8.41 -15.88 12.57
C THR A 798 9.25 -14.72 13.01
N THR A 799 9.08 -13.61 12.31
CA THR A 799 9.71 -12.35 12.66
C THR A 799 8.67 -11.26 12.87
N ARG A 800 8.80 -10.51 13.96
CA ARG A 800 7.90 -9.41 14.21
C ARG A 800 8.49 -8.10 13.72
N PHE A 801 7.63 -7.24 13.20
CA PHE A 801 8.00 -5.85 12.89
C PHE A 801 7.45 -4.94 13.96
N VAL A 802 8.36 -4.26 14.65
CA VAL A 802 8.04 -3.60 15.91
C VAL A 802 8.16 -2.09 15.75
N MET A 803 7.28 -1.39 16.47
CA MET A 803 7.24 0.05 16.55
C MET A 803 7.47 0.49 17.98
N HIS A 804 8.20 1.59 18.13
CA HIS A 804 8.27 2.31 19.40
C HIS A 804 6.95 3.08 19.58
N GLU A 805 6.27 2.83 20.68
CA GLU A 805 5.08 3.59 21.03
C GLU A 805 5.00 3.53 22.55
N GLN A 806 5.04 4.68 23.20
CA GLN A 806 5.01 4.72 24.67
C GLN A 806 3.62 4.37 25.17
N LEU A 807 3.46 3.21 25.79
CA LEU A 807 2.12 2.79 26.18
C LEU A 807 1.84 3.15 27.62
N ALA A 808 0.55 3.25 27.91
CA ALA A 808 0.10 3.49 29.27
C ALA A 808 -0.16 2.17 29.96
N GLY A 809 -0.25 2.22 31.27
CA GLY A 809 -0.51 1.05 32.06
C GLY A 809 0.75 0.55 32.71
N SER A 810 0.57 -0.52 33.49
CA SER A 810 1.68 -1.15 34.18
C SER A 810 1.81 -2.64 33.88
N ARG A 811 1.09 -3.14 32.86
CA ARG A 811 1.20 -4.54 32.47
C ARG A 811 2.54 -4.79 31.78
N TYR A 812 2.97 -6.06 31.77
CA TYR A 812 4.22 -6.44 31.13
C TYR A 812 4.32 -5.81 29.73
N ASP A 813 3.27 -5.99 28.94
CA ASP A 813 3.21 -5.42 27.59
C ASP A 813 3.55 -3.93 27.63
N SER A 814 3.06 -3.23 28.67
CA SER A 814 3.17 -1.78 28.72
C SER A 814 4.62 -1.34 28.89
N ASP A 815 5.38 -2.05 29.73
CA ASP A 815 6.71 -1.57 30.09
C ASP A 815 7.73 -1.71 28.96
N ARG A 816 7.49 -2.58 27.97
CA ARG A 816 8.44 -2.69 26.87
C ARG A 816 8.20 -1.66 25.76
N ASP A 817 7.07 -0.94 25.81
CA ASP A 817 6.82 0.22 24.93
C ASP A 817 6.90 -0.18 23.46
N ILE A 818 6.17 -1.23 23.12
CA ILE A 818 6.24 -1.82 21.78
C ILE A 818 4.85 -2.11 21.28
N GLN A 819 4.60 -1.70 20.03
CA GLN A 819 3.46 -2.12 19.23
C GLN A 819 3.96 -2.82 17.97
N PHE A 820 3.10 -3.66 17.43
CA PHE A 820 3.50 -4.51 16.33
C PHE A 820 2.74 -4.06 15.09
N LEU A 821 3.35 -4.28 13.93
CA LEU A 821 2.70 -3.99 12.67
C LEU A 821 2.70 -5.25 11.83
N GLN A 822 1.54 -5.69 11.40
CA GLN A 822 1.49 -6.84 10.52
C GLN A 822 1.76 -6.33 9.11
N ASP A 823 2.81 -6.84 8.49
CA ASP A 823 2.99 -6.54 7.07
C ASP A 823 2.09 -7.46 6.27
N ILE A 824 0.85 -7.02 6.03
CA ILE A 824 -0.13 -7.83 5.31
C ILE A 824 0.37 -8.29 3.94
N THR A 825 1.55 -7.84 3.51
CA THR A 825 2.00 -8.14 2.16
C THR A 825 2.96 -9.32 2.09
N ARG A 826 3.38 -9.86 3.22
CA ARG A 826 4.29 -11.00 3.18
C ARG A 826 3.52 -12.30 3.17
N LEU A 827 4.05 -13.24 2.40
CA LEU A 827 3.63 -14.63 2.46
C LEU A 827 3.39 -15.03 3.90
N SER A 828 2.17 -15.43 4.21
CA SER A 828 1.78 -15.65 5.59
C SER A 828 0.93 -16.89 5.68
N SER A 829 0.78 -17.39 6.88
CA SER A 829 -0.04 -18.57 7.12
C SER A 829 -1.48 -18.17 7.35
N PRO A 830 -2.41 -19.13 7.35
CA PRO A 830 -3.79 -18.84 7.82
C PRO A 830 -3.88 -18.06 9.14
N THR A 831 -3.02 -18.34 10.13
CA THR A 831 -3.08 -17.66 11.42
C THR A 831 -2.25 -16.37 11.47
N ARG A 832 -1.73 -15.92 10.31
CA ARG A 832 -0.93 -14.71 10.17
C ARG A 832 0.50 -14.87 10.67
N LEU A 833 1.11 -16.05 10.49
CA LEU A 833 2.55 -16.25 10.73
C LEU A 833 3.31 -15.83 9.48
N ALA A 834 4.20 -14.86 9.59
CA ALA A 834 4.94 -14.43 8.41
C ALA A 834 6.07 -15.39 8.08
N VAL A 835 6.23 -15.69 6.79
CA VAL A 835 7.39 -16.48 6.35
C VAL A 835 8.51 -15.48 6.12
N ILE A 836 9.47 -15.43 7.04
CA ILE A 836 10.56 -14.46 6.96
C ILE A 836 11.84 -15.21 7.28
N PRO A 837 12.37 -15.98 6.32
CA PRO A 837 13.40 -16.98 6.67
C PRO A 837 14.64 -16.37 7.30
N TRP A 838 15.20 -15.33 6.69
CA TRP A 838 16.44 -14.75 7.22
C TRP A 838 16.34 -14.31 8.69
N GLY A 839 15.13 -14.27 9.27
CA GLY A 839 15.04 -13.90 10.68
C GLY A 839 15.67 -14.92 11.59
N VAL A 840 15.65 -16.20 11.20
CA VAL A 840 16.25 -17.24 12.02
C VAL A 840 17.77 -17.13 11.98
N ARG A 841 18.32 -16.70 10.86
CA ARG A 841 19.76 -16.51 10.82
C ARG A 841 20.18 -15.34 11.70
N LYS A 842 19.45 -14.24 11.63
CA LYS A 842 19.77 -13.11 12.50
C LYS A 842 19.67 -13.52 13.95
N LEU A 843 18.64 -14.32 14.30
CA LEU A 843 18.44 -14.73 15.68
C LEU A 843 19.61 -15.56 16.18
N LEU A 844 20.01 -16.57 15.39
CA LEU A 844 21.12 -17.42 15.81
C LEU A 844 22.38 -16.62 16.05
N ARG A 845 22.57 -15.54 15.31
CA ARG A 845 23.80 -14.80 15.50
C ARG A 845 23.71 -13.84 16.67
N TRP A 846 22.51 -13.28 16.89
CA TRP A 846 22.23 -12.54 18.10
C TRP A 846 22.44 -13.41 19.32
N VAL A 847 22.00 -14.68 19.25
CA VAL A 847 22.17 -15.60 20.38
C VAL A 847 23.64 -15.90 20.59
N ARG A 848 24.32 -16.26 19.50
CA ARG A 848 25.74 -16.51 19.56
C ARG A 848 26.51 -15.36 20.20
N ARG A 849 26.18 -14.11 19.83
CA ARG A 849 26.95 -12.96 20.29
C ARG A 849 26.63 -12.54 21.71
N ASN A 850 25.41 -12.78 22.17
CA ASN A 850 25.18 -12.44 23.57
C ASN A 850 25.63 -13.54 24.52
N TYR A 851 25.56 -14.80 24.08
CA TYR A 851 25.73 -15.91 25.01
C TYR A 851 26.82 -16.86 24.53
N GLY A 852 27.54 -16.47 23.49
CA GLY A 852 28.73 -17.21 23.21
C GLY A 852 28.48 -18.55 22.56
N ASP A 853 29.60 -19.26 22.38
CA ASP A 853 29.61 -20.42 21.50
C ASP A 853 29.01 -21.67 22.16
N MET A 854 28.02 -21.48 23.03
CA MET A 854 27.32 -22.64 23.55
C MET A 854 26.45 -23.24 22.46
N ASP A 855 26.06 -24.48 22.66
CA ASP A 855 25.33 -25.21 21.63
C ASP A 855 23.85 -24.81 21.59
N ILE A 856 23.30 -24.84 20.37
CA ILE A 856 21.98 -24.34 20.08
C ILE A 856 21.19 -25.41 19.35
N TYR A 857 20.00 -25.71 19.87
CA TYR A 857 19.02 -26.52 19.18
C TYR A 857 17.81 -25.66 18.90
N ILE A 858 17.36 -25.70 17.64
CA ILE A 858 16.04 -25.16 17.31
C ILE A 858 15.01 -26.23 17.69
N THR A 859 14.35 -26.03 18.83
CA THR A 859 13.44 -27.07 19.35
C THR A 859 12.00 -26.94 18.86
N ALA A 860 11.68 -25.93 18.03
CA ALA A 860 10.38 -25.82 17.37
C ALA A 860 10.50 -24.88 16.19
N SER A 861 9.98 -25.31 15.04
CA SER A 861 10.02 -24.49 13.82
C SER A 861 8.93 -24.98 12.87
N GLY A 862 7.93 -24.16 12.60
CA GLY A 862 6.96 -24.55 11.62
C GLY A 862 5.98 -23.44 11.36
N ILE A 863 4.90 -23.80 10.67
CA ILE A 863 3.91 -22.87 10.18
C ILE A 863 2.66 -23.69 9.92
N ASP A 864 1.50 -23.06 10.06
CA ASP A 864 0.26 -23.74 9.71
C ASP A 864 -0.04 -23.55 8.23
N ASP A 865 -1.05 -24.29 7.75
CA ASP A 865 -1.28 -24.42 6.32
C ASP A 865 -2.68 -24.99 6.08
N GLN A 866 -3.52 -24.29 5.30
CA GLN A 866 -4.86 -24.80 5.05
C GLN A 866 -4.80 -26.17 4.37
N ALA A 867 -3.81 -26.38 3.50
CA ALA A 867 -3.75 -27.56 2.64
C ALA A 867 -3.59 -28.85 3.44
N LEU A 868 -4.48 -29.81 3.16
CA LEU A 868 -4.46 -31.09 3.87
C LEU A 868 -3.77 -32.23 3.12
N GLU A 869 -3.36 -32.06 1.85
CA GLU A 869 -2.49 -33.07 1.26
C GLU A 869 -1.20 -32.46 0.71
N ASP A 870 -1.34 -31.38 -0.07
CA ASP A 870 -0.20 -30.67 -0.66
C ASP A 870 0.03 -29.34 0.06
N ASP A 871 0.72 -29.40 1.19
CA ASP A 871 1.06 -28.20 1.97
C ASP A 871 2.28 -27.53 1.32
N ARG A 872 1.98 -26.70 0.32
CA ARG A 872 3.03 -25.98 -0.39
C ARG A 872 3.69 -24.92 0.49
N LEU A 873 2.91 -24.31 1.40
CA LEU A 873 3.44 -23.29 2.29
C LEU A 873 4.39 -23.89 3.33
N ARG A 874 4.05 -25.07 3.87
CA ARG A 874 4.95 -25.77 4.79
C ARG A 874 6.22 -26.19 4.07
N LYS A 875 6.07 -26.81 2.92
CA LYS A 875 7.25 -27.15 2.12
C LYS A 875 8.09 -25.92 1.88
N TYR A 876 7.45 -24.80 1.53
CA TYR A 876 8.18 -23.57 1.22
C TYR A 876 8.93 -23.08 2.47
N TYR A 877 8.20 -22.91 3.58
CA TYR A 877 8.82 -22.52 4.83
C TYR A 877 10.00 -23.42 5.19
N LEU A 878 9.81 -24.74 5.06
CA LEU A 878 10.82 -25.68 5.51
C LEU A 878 12.07 -25.59 4.66
N GLY A 879 11.93 -25.58 3.34
CA GLY A 879 13.08 -25.38 2.48
C GLY A 879 13.82 -24.08 2.76
N LYS A 880 13.09 -22.97 2.92
CA LYS A 880 13.73 -21.67 3.06
C LYS A 880 14.41 -21.53 4.43
N TYR A 881 13.67 -21.80 5.52
CA TYR A 881 14.27 -21.60 6.82
C TYR A 881 15.45 -22.54 7.04
N LEU A 882 15.35 -23.79 6.59
CA LEU A 882 16.48 -24.70 6.75
C LEU A 882 17.67 -24.26 5.94
N GLN A 883 17.44 -23.63 4.79
CA GLN A 883 18.52 -23.03 4.00
C GLN A 883 19.23 -21.92 4.79
N GLU A 884 18.47 -21.07 5.50
CA GLU A 884 19.11 -20.07 6.35
C GLU A 884 19.82 -20.69 7.56
N VAL A 885 19.31 -21.80 8.11
CA VAL A 885 20.02 -22.48 9.20
C VAL A 885 21.33 -23.01 8.67
N LEU A 886 21.32 -23.52 7.44
CA LEU A 886 22.57 -23.96 6.82
C LEU A 886 23.55 -22.80 6.69
N LYS A 887 23.05 -21.65 6.21
CA LYS A 887 23.90 -20.46 6.15
C LYS A 887 24.47 -20.10 7.51
N ALA A 888 23.66 -20.22 8.57
CA ALA A 888 24.19 -19.92 9.89
C ALA A 888 25.27 -20.91 10.29
N TYR A 889 25.22 -22.13 9.75
CA TYR A 889 26.19 -23.16 10.10
C TYR A 889 27.45 -23.06 9.25
N LEU A 890 27.29 -23.05 7.93
CA LEU A 890 28.45 -23.06 7.05
C LEU A 890 29.16 -21.71 7.06
N ILE A 891 28.42 -20.61 6.89
CA ILE A 891 29.00 -19.28 6.77
C ILE A 891 29.28 -18.63 8.12
N ASP A 892 28.28 -18.56 9.02
CA ASP A 892 28.43 -17.81 10.28
C ASP A 892 29.07 -18.62 11.43
N LYS A 893 29.21 -19.94 11.31
CA LYS A 893 29.93 -20.75 12.31
C LYS A 893 29.24 -20.68 13.68
N VAL A 894 27.90 -20.81 13.68
CA VAL A 894 27.12 -20.90 14.91
C VAL A 894 27.00 -22.37 15.29
N ARG A 895 27.30 -22.69 16.55
CA ARG A 895 27.24 -24.10 16.96
C ARG A 895 25.80 -24.59 17.03
N ILE A 896 25.16 -24.77 15.87
CA ILE A 896 23.78 -25.21 15.79
C ILE A 896 23.78 -26.72 15.56
N LYS A 897 23.13 -27.46 16.46
CA LYS A 897 23.25 -28.90 16.54
C LYS A 897 22.01 -29.65 16.15
N GLY A 898 20.91 -28.97 15.90
CA GLY A 898 19.67 -29.66 15.69
C GLY A 898 18.51 -28.78 15.27
N TYR A 899 17.57 -29.41 14.58
CA TYR A 899 16.38 -28.77 14.07
C TYR A 899 15.19 -29.69 14.31
N TYR A 900 14.24 -29.24 15.12
CA TYR A 900 13.00 -29.95 15.38
C TYR A 900 11.86 -29.24 14.68
N ALA A 901 11.19 -29.94 13.78
CA ALA A 901 10.06 -29.35 13.07
C ALA A 901 8.76 -29.46 13.88
N PHE A 902 7.93 -28.44 13.73
CA PHE A 902 6.67 -28.25 14.41
C PHE A 902 5.51 -28.27 13.40
N LYS A 903 4.58 -29.22 13.57
CA LYS A 903 4.68 -30.27 14.56
C LYS A 903 4.22 -31.53 13.86
N LEU A 904 4.12 -32.64 14.59
CA LEU A 904 3.95 -33.94 13.95
C LEU A 904 2.51 -34.17 13.52
N ALA A 905 1.55 -33.98 14.42
CA ALA A 905 0.14 -34.10 14.11
C ALA A 905 -0.62 -32.90 14.63
N GLU A 906 -1.84 -32.73 14.13
CA GLU A 906 -2.71 -31.61 14.44
C GLU A 906 -4.03 -32.15 14.97
N GLU A 907 -4.66 -31.41 15.90
CA GLU A 907 -6.01 -31.72 16.38
C GLU A 907 -7.03 -30.93 15.56
N LYS A 908 -8.28 -31.42 15.56
CA LYS A 908 -9.24 -30.96 14.55
C LYS A 908 -9.59 -29.49 14.74
N SER A 909 -9.87 -29.07 15.97
CA SER A 909 -10.20 -27.66 16.19
C SER A 909 -8.99 -26.73 16.03
N LYS A 910 -7.79 -27.27 16.06
CA LYS A 910 -6.60 -26.46 16.24
C LYS A 910 -5.99 -26.15 14.88
N PRO A 911 -5.20 -25.08 14.78
CA PRO A 911 -4.57 -24.73 13.49
C PRO A 911 -3.78 -25.89 12.91
N ARG A 912 -3.80 -25.97 11.58
CA ARG A 912 -3.27 -27.13 10.86
C ARG A 912 -1.74 -27.01 10.79
N PHE A 913 -1.09 -27.31 11.91
CA PHE A 913 0.36 -27.28 11.99
C PHE A 913 1.02 -28.64 11.72
N GLY A 914 0.26 -29.73 11.61
CA GLY A 914 0.86 -31.04 11.56
C GLY A 914 1.50 -31.39 10.21
N PHE A 915 2.47 -32.30 10.28
CA PHE A 915 2.90 -33.06 9.09
C PHE A 915 1.92 -34.15 8.73
N PHE A 916 1.05 -34.53 9.64
CA PHE A 916 -0.01 -35.49 9.37
C PHE A 916 -1.32 -34.83 9.71
N THR A 917 -2.36 -35.18 8.96
CA THR A 917 -3.69 -34.65 9.21
C THR A 917 -4.22 -35.21 10.52
N SER A 918 -5.37 -34.70 10.94
CA SER A 918 -5.99 -35.22 12.16
C SER A 918 -6.37 -36.68 12.01
N ASP A 919 -6.66 -37.10 10.78
CA ASP A 919 -6.93 -38.50 10.49
C ASP A 919 -5.63 -39.31 10.27
N PHE A 920 -4.46 -38.71 10.56
CA PHE A 920 -3.15 -39.37 10.46
C PHE A 920 -2.72 -39.62 9.03
N LYS A 921 -3.36 -38.97 8.07
CA LYS A 921 -2.87 -39.04 6.70
C LYS A 921 -1.67 -38.12 6.56
N ALA A 922 -0.68 -38.54 5.79
CA ALA A 922 0.55 -37.78 5.62
C ALA A 922 0.40 -36.73 4.53
N LYS A 923 1.01 -35.57 4.74
CA LYS A 923 1.03 -34.50 3.76
C LYS A 923 2.34 -34.54 2.97
N SER A 924 2.37 -33.77 1.88
CA SER A 924 3.47 -33.86 0.94
C SER A 924 4.82 -33.48 1.55
N SER A 925 4.81 -32.54 2.51
CA SER A 925 6.02 -32.01 3.11
C SER A 925 6.89 -33.08 3.74
N ILE A 926 6.30 -34.19 4.16
CA ILE A 926 7.04 -35.33 4.71
C ILE A 926 8.09 -35.81 3.72
N GLN A 927 7.67 -36.12 2.50
CA GLN A 927 8.64 -36.47 1.46
C GLN A 927 9.69 -35.38 1.32
N PHE A 928 9.30 -34.12 1.50
CA PHE A 928 10.26 -33.04 1.34
C PHE A 928 11.24 -33.01 2.50
N TYR A 929 10.73 -33.15 3.72
CA TYR A 929 11.58 -33.14 4.90
C TYR A 929 12.56 -34.32 4.86
N ASN A 930 12.06 -35.52 4.52
CA ASN A 930 12.93 -36.68 4.38
C ASN A 930 14.06 -36.42 3.37
N LYS A 931 13.72 -35.92 2.17
CA LYS A 931 14.76 -35.66 1.17
C LYS A 931 15.86 -34.77 1.73
N VAL A 932 15.49 -33.74 2.49
CA VAL A 932 16.51 -32.86 3.09
C VAL A 932 17.37 -33.67 4.05
N ILE A 933 16.72 -34.41 4.95
CA ILE A 933 17.44 -35.23 5.93
C ILE A 933 18.40 -36.19 5.24
N SER A 934 17.93 -36.86 4.19
CA SER A 934 18.76 -37.82 3.47
C SER A 934 20.01 -37.18 2.88
N SER A 935 19.93 -35.91 2.52
CA SER A 935 21.02 -35.16 1.90
C SER A 935 21.87 -34.39 2.90
N ARG A 936 21.50 -34.40 4.18
CA ARG A 936 22.13 -33.56 5.20
C ARG A 936 22.15 -32.07 4.79
N GLY A 937 21.18 -31.66 3.98
CA GLY A 937 21.06 -30.27 3.59
C GLY A 937 20.74 -30.06 2.14
N PHE A 938 21.57 -29.23 1.48
CA PHE A 938 21.36 -28.85 0.09
C PHE A 938 22.67 -28.96 -0.68
N PRO A 939 23.13 -30.18 -0.91
CA PRO A 939 24.45 -30.37 -1.50
C PRO A 939 24.44 -30.02 -2.99
N PHE A 940 25.64 -29.71 -3.51
CA PHE A 940 25.84 -29.33 -4.91
C PHE A 940 26.17 -30.57 -5.74
N VAL B 2 1.16 28.73 -46.38
CA VAL B 2 -0.21 29.12 -45.99
C VAL B 2 -0.72 30.25 -46.86
N GLN B 3 -1.55 29.98 -47.88
CA GLN B 3 -2.20 31.02 -48.67
C GLN B 3 -3.65 31.22 -48.22
N LEU B 4 -4.05 32.50 -48.13
CA LEU B 4 -5.41 32.90 -47.76
C LEU B 4 -6.07 33.59 -48.95
N VAL B 5 -7.38 33.44 -49.10
CA VAL B 5 -8.07 34.15 -50.20
C VAL B 5 -9.39 34.74 -49.70
N GLU B 6 -9.56 36.06 -49.88
CA GLU B 6 -10.80 36.72 -49.55
C GLU B 6 -11.84 36.49 -50.64
N SER B 7 -13.12 36.52 -50.25
CA SER B 7 -14.22 36.48 -51.20
C SER B 7 -15.38 37.32 -50.67
N GLY B 8 -16.19 37.83 -51.59
CA GLY B 8 -17.43 38.46 -51.19
C GLY B 8 -17.33 39.93 -50.88
N GLY B 9 -16.36 40.64 -51.47
CA GLY B 9 -16.37 42.10 -51.38
C GLY B 9 -17.46 42.75 -52.23
N GLY B 10 -17.21 43.96 -52.70
CA GLY B 10 -18.08 44.62 -53.65
C GLY B 10 -18.80 45.80 -53.03
N LEU B 11 -19.72 46.36 -53.83
CA LEU B 11 -20.44 47.55 -53.45
C LEU B 11 -21.77 47.17 -52.82
N VAL B 12 -22.15 47.88 -51.75
CA VAL B 12 -23.36 47.62 -50.99
C VAL B 12 -24.04 48.95 -50.69
N GLN B 13 -25.36 48.99 -50.83
CA GLN B 13 -26.12 50.10 -50.29
C GLN B 13 -25.85 50.21 -48.79
N ALA B 14 -25.77 51.43 -48.26
CA ALA B 14 -25.68 51.59 -46.82
C ALA B 14 -26.85 50.87 -46.13
N GLY B 15 -26.65 50.55 -44.85
CA GLY B 15 -27.60 49.73 -44.13
C GLY B 15 -27.79 48.32 -44.65
N GLY B 16 -27.14 47.94 -45.73
CA GLY B 16 -27.20 46.58 -46.23
C GLY B 16 -26.21 45.65 -45.56
N SER B 17 -26.02 44.50 -46.20
CA SER B 17 -25.32 43.42 -45.54
C SER B 17 -24.39 42.77 -46.55
N LEU B 18 -23.28 42.26 -46.04
CA LEU B 18 -22.29 41.66 -46.90
C LEU B 18 -21.59 40.58 -46.09
N ARG B 19 -21.12 39.55 -46.79
CA ARG B 19 -20.45 38.44 -46.13
C ARG B 19 -19.13 38.11 -46.85
N LEU B 20 -18.02 38.33 -46.16
CA LEU B 20 -16.71 37.93 -46.64
C LEU B 20 -16.39 36.52 -46.12
N SER B 21 -15.61 35.78 -46.92
CA SER B 21 -15.04 34.50 -46.51
C SER B 21 -13.55 34.52 -46.86
N CYS B 22 -12.75 33.93 -45.97
CA CYS B 22 -11.34 33.69 -46.20
C CYS B 22 -11.15 32.19 -46.27
N ALA B 23 -10.75 31.69 -47.43
CA ALA B 23 -10.39 30.27 -47.58
C ALA B 23 -8.88 30.12 -47.51
N ALA B 24 -8.43 29.08 -46.83
CA ALA B 24 -7.02 28.77 -46.60
C ALA B 24 -6.64 27.43 -47.21
N SER B 25 -5.34 27.29 -47.53
CA SER B 25 -4.80 26.03 -48.04
C SER B 25 -3.61 25.49 -47.28
N PHE B 29 -3.41 21.35 -42.94
CA PHE B 29 -2.53 21.05 -41.82
C PHE B 29 -3.13 21.43 -40.45
N SER B 30 -2.50 22.42 -39.81
CA SER B 30 -2.66 22.71 -38.39
C SER B 30 -3.85 23.63 -38.12
N PRO B 31 -4.21 23.80 -36.85
CA PRO B 31 -5.20 24.82 -36.47
C PRO B 31 -4.62 26.24 -36.56
N TYR B 32 -5.53 27.22 -36.65
CA TYR B 32 -5.10 28.61 -36.65
C TYR B 32 -6.22 29.52 -36.14
N VAL B 33 -5.79 30.73 -35.72
CA VAL B 33 -6.68 31.84 -35.44
C VAL B 33 -7.01 32.57 -36.75
N GLY B 34 -8.31 32.78 -37.00
CA GLY B 34 -8.75 33.59 -38.13
C GLY B 34 -8.94 35.05 -37.74
N GLY B 35 -8.34 35.95 -38.53
CA GLY B 35 -8.46 37.37 -38.28
C GLY B 35 -9.05 38.10 -39.48
N TRP B 36 -9.44 39.33 -39.26
CA TRP B 36 -9.94 40.25 -40.28
C TRP B 36 -9.46 41.64 -39.91
N PHE B 37 -8.87 42.32 -40.89
CA PHE B 37 -8.50 43.71 -40.76
C PHE B 37 -9.10 44.47 -41.92
N ARG B 38 -9.33 45.77 -41.71
CA ARG B 38 -9.73 46.67 -42.80
C ARG B 38 -8.75 47.83 -42.84
N GLN B 39 -8.48 48.34 -44.05
CA GLN B 39 -7.63 49.53 -44.21
C GLN B 39 -8.18 50.50 -45.25
N ALA B 40 -8.32 51.78 -44.84
CA ALA B 40 -8.73 52.87 -45.72
C ALA B 40 -7.50 53.56 -46.32
N PRO B 41 -7.63 54.20 -47.47
CA PRO B 41 -6.45 54.84 -48.10
C PRO B 41 -5.82 55.92 -47.21
N GLY B 42 -4.53 55.72 -46.84
CA GLY B 42 -3.77 56.63 -45.99
C GLY B 42 -3.88 56.41 -44.49
N LYS B 43 -4.66 55.43 -44.04
CA LYS B 43 -4.76 55.10 -42.63
C LYS B 43 -4.07 53.78 -42.33
N GLU B 44 -3.71 53.60 -41.07
CA GLU B 44 -3.16 52.32 -40.62
C GLU B 44 -4.26 51.26 -40.62
N ARG B 45 -3.86 50.01 -40.94
CA ARG B 45 -4.75 48.86 -40.83
C ARG B 45 -5.38 48.80 -39.45
N GLU B 46 -6.68 48.53 -39.39
CA GLU B 46 -7.36 48.44 -38.11
C GLU B 46 -7.94 47.04 -37.95
N PHE B 47 -7.85 46.56 -36.73
CA PHE B 47 -8.38 45.24 -36.41
C PHE B 47 -9.90 45.26 -36.52
N VAL B 48 -10.46 44.23 -37.15
CA VAL B 48 -11.92 44.14 -37.18
C VAL B 48 -12.42 43.10 -36.18
N ALA B 49 -11.97 41.86 -36.34
CA ALA B 49 -12.58 40.74 -35.63
C ALA B 49 -11.66 39.53 -35.72
N ALA B 50 -11.66 38.70 -34.67
CA ALA B 50 -10.93 37.46 -34.79
C ALA B 50 -11.65 36.32 -34.04
N ILE B 51 -11.22 35.10 -34.35
CA ILE B 51 -11.86 33.91 -33.83
C ILE B 51 -10.85 32.78 -33.57
N SER B 52 -10.80 32.30 -32.32
CA SER B 52 -10.11 31.08 -31.92
C SER B 52 -10.37 29.86 -32.76
N TRP B 53 -9.57 28.81 -32.58
CA TRP B 53 -9.61 27.65 -33.48
C TRP B 53 -10.97 26.95 -33.44
N SER B 54 -11.50 26.64 -32.26
CA SER B 54 -12.87 26.14 -32.21
C SER B 54 -13.87 27.20 -31.75
N GLY B 55 -13.62 28.47 -32.08
CA GLY B 55 -14.69 29.44 -31.98
C GLY B 55 -15.18 29.76 -30.59
N GLY B 56 -14.51 29.27 -29.56
CA GLY B 56 -14.87 29.67 -28.22
C GLY B 56 -14.61 31.13 -27.94
N THR B 57 -13.61 31.71 -28.57
CA THR B 57 -13.21 33.10 -28.32
C THR B 57 -13.47 33.90 -29.58
N LYS B 58 -14.34 34.92 -29.48
CA LYS B 58 -14.50 35.89 -30.57
C LYS B 58 -14.17 37.28 -30.05
N LEU B 59 -13.38 38.01 -30.80
CA LEU B 59 -13.07 39.38 -30.47
C LEU B 59 -13.54 40.26 -31.62
N TYR B 60 -13.99 41.47 -31.26
CA TYR B 60 -14.42 42.46 -32.23
C TYR B 60 -13.89 43.84 -31.84
N ALA B 61 -13.64 44.66 -32.85
CA ALA B 61 -13.51 46.10 -32.64
C ALA B 61 -14.83 46.70 -32.14
N ASP B 62 -14.73 47.73 -31.29
CA ASP B 62 -15.93 48.43 -30.83
C ASP B 62 -16.76 48.96 -31.99
N SER B 63 -16.10 49.60 -32.96
CA SER B 63 -16.84 50.17 -34.09
C SER B 63 -17.64 49.14 -34.87
N VAL B 64 -17.44 47.85 -34.66
CA VAL B 64 -18.25 46.85 -35.35
C VAL B 64 -19.02 45.94 -34.42
N LYS B 65 -18.79 45.99 -33.10
CA LYS B 65 -19.50 45.13 -32.17
C LYS B 65 -21.00 45.34 -32.32
N GLY B 66 -21.72 44.27 -32.60
CA GLY B 66 -23.17 44.30 -32.74
C GLY B 66 -23.56 44.03 -34.17
N ARG B 67 -22.86 44.65 -35.10
CA ARG B 67 -23.18 44.55 -36.53
C ARG B 67 -22.42 43.40 -37.18
N PHE B 68 -21.15 43.20 -36.81
CA PHE B 68 -20.36 42.15 -37.44
C PHE B 68 -20.36 40.91 -36.55
N THR B 69 -20.43 39.75 -37.20
CA THR B 69 -20.17 38.50 -36.50
C THR B 69 -19.21 37.64 -37.31
N ILE B 70 -18.23 37.07 -36.61
CA ILE B 70 -17.26 36.15 -37.21
C ILE B 70 -17.58 34.70 -36.83
N SER B 71 -17.34 33.81 -37.77
CA SER B 71 -17.58 32.39 -37.57
C SER B 71 -16.69 31.63 -38.53
N ARG B 72 -16.66 30.32 -38.39
CA ARG B 72 -15.76 29.55 -39.24
C ARG B 72 -16.31 28.15 -39.39
N ASP B 73 -15.88 27.46 -40.43
CA ASP B 73 -16.10 26.03 -40.55
C ASP B 73 -14.72 25.39 -40.81
N ASN B 74 -14.14 24.79 -39.76
CA ASN B 74 -12.85 24.15 -39.86
C ASN B 74 -12.83 23.08 -40.95
N ALA B 75 -13.96 22.43 -41.21
CA ALA B 75 -13.98 21.36 -42.20
C ALA B 75 -13.67 21.88 -43.60
N LYS B 76 -14.08 23.11 -43.91
CA LYS B 76 -13.81 23.73 -45.20
C LYS B 76 -12.66 24.72 -45.18
N ASN B 77 -11.96 24.87 -44.05
CA ASN B 77 -10.85 25.81 -43.93
C ASN B 77 -11.28 27.24 -44.29
N THR B 78 -12.39 27.69 -43.74
CA THR B 78 -12.95 28.99 -44.09
C THR B 78 -13.41 29.72 -42.85
N VAL B 79 -13.00 30.98 -42.71
CA VAL B 79 -13.55 31.91 -41.75
C VAL B 79 -14.50 32.84 -42.49
N TYR B 80 -15.60 33.18 -41.85
CA TYR B 80 -16.61 34.09 -42.37
C TYR B 80 -16.72 35.35 -41.50
N LEU B 81 -16.95 36.49 -42.16
CA LEU B 81 -17.26 37.75 -41.50
C LEU B 81 -18.61 38.20 -42.03
N GLN B 82 -19.62 38.18 -41.16
CA GLN B 82 -20.98 38.55 -41.54
C GLN B 82 -21.18 39.99 -41.12
N MET B 83 -21.23 40.88 -42.11
CA MET B 83 -21.33 42.31 -41.86
C MET B 83 -22.77 42.74 -42.15
N ASN B 84 -23.44 43.30 -41.13
CA ASN B 84 -24.82 43.74 -41.27
C ASN B 84 -24.92 45.22 -40.94
N THR B 85 -25.90 45.87 -41.56
CA THR B 85 -26.19 47.28 -41.33
C THR B 85 -24.91 48.10 -41.56
N LEU B 86 -24.39 47.94 -42.78
CA LEU B 86 -23.12 48.53 -43.14
C LEU B 86 -23.24 50.06 -43.23
N LYS B 87 -22.25 50.74 -42.68
CA LYS B 87 -22.13 52.18 -42.76
C LYS B 87 -21.19 52.55 -43.89
N ARG B 88 -21.21 53.83 -44.29
CA ARG B 88 -20.14 54.36 -45.13
C ARG B 88 -18.81 54.33 -44.39
N GLU B 89 -18.83 54.47 -43.07
CA GLU B 89 -17.63 54.26 -42.26
C GLU B 89 -17.00 52.86 -42.44
N ASP B 90 -17.71 51.92 -43.07
CA ASP B 90 -17.20 50.57 -43.28
C ASP B 90 -16.53 50.39 -44.64
N THR B 91 -16.55 51.39 -45.51
CA THR B 91 -15.81 51.29 -46.77
C THR B 91 -14.32 51.20 -46.48
N ALA B 92 -13.69 50.12 -46.94
CA ALA B 92 -12.23 49.92 -46.82
C ALA B 92 -11.86 48.69 -47.61
N VAL B 93 -10.56 48.49 -47.75
CA VAL B 93 -10.03 47.19 -48.16
C VAL B 93 -9.99 46.27 -46.95
N TYR B 94 -10.54 45.07 -47.09
CA TYR B 94 -10.61 44.11 -45.98
C TYR B 94 -9.64 42.93 -46.22
N TYR B 95 -8.69 42.77 -45.30
CA TYR B 95 -7.72 41.67 -45.35
C TYR B 95 -8.04 40.59 -44.33
N CYS B 96 -8.12 39.35 -44.77
CA CYS B 96 -8.10 38.27 -43.81
C CYS B 96 -6.68 37.88 -43.38
N ALA B 97 -6.55 37.50 -42.12
CA ALA B 97 -5.27 37.10 -41.58
C ALA B 97 -5.40 35.75 -40.87
N ALA B 98 -4.28 35.07 -40.75
CA ALA B 98 -4.22 33.85 -39.96
C ALA B 98 -3.04 33.96 -39.02
N ARG B 99 -3.25 33.46 -37.80
CA ARG B 99 -2.25 33.35 -36.76
C ARG B 99 -2.27 31.92 -36.24
N ARG B 100 -1.10 31.33 -36.04
CA ARG B 100 -1.03 29.89 -35.77
C ARG B 100 -1.34 29.55 -34.31
N ILE B 101 -0.68 30.24 -33.37
CA ILE B 101 -0.87 29.98 -31.96
C ILE B 101 -2.26 30.42 -31.56
N ASN B 102 -3.07 29.48 -31.04
CA ASN B 102 -4.48 29.67 -30.69
C ASN B 102 -4.61 30.64 -29.53
N GLU B 103 -4.26 31.89 -29.79
CA GLU B 103 -4.42 33.00 -28.86
C GLU B 103 -4.96 34.15 -29.69
N VAL B 104 -6.07 34.74 -29.27
CA VAL B 104 -6.76 35.71 -30.11
C VAL B 104 -6.23 37.09 -29.75
N LEU B 105 -5.48 37.65 -30.69
CA LEU B 105 -4.82 38.92 -30.50
C LEU B 105 -5.37 39.93 -31.51
N THR B 106 -5.24 41.21 -31.17
CA THR B 106 -5.88 42.26 -31.94
C THR B 106 -4.91 43.12 -32.74
N THR B 107 -3.60 42.91 -32.63
CA THR B 107 -2.69 43.75 -33.42
C THR B 107 -2.11 43.01 -34.61
N ALA B 108 -1.86 43.75 -35.68
CA ALA B 108 -1.48 43.13 -36.94
C ALA B 108 -0.11 42.47 -36.92
N PRO B 109 0.91 42.96 -36.20
CA PRO B 109 2.16 42.21 -36.12
C PRO B 109 2.01 40.82 -35.52
N ASP B 110 0.87 40.51 -34.90
CA ASP B 110 0.72 39.19 -34.33
C ASP B 110 0.21 38.16 -35.32
N TYR B 111 -0.19 38.57 -36.52
CA TYR B 111 -0.62 37.59 -37.50
C TYR B 111 0.51 37.32 -38.50
N ASP B 112 0.69 36.05 -38.83
CA ASP B 112 1.79 35.62 -39.67
C ASP B 112 1.45 35.67 -41.16
N PHE B 113 0.27 35.18 -41.54
CA PHE B 113 -0.15 35.11 -42.94
C PHE B 113 -1.29 36.07 -43.23
N TRP B 114 -1.22 36.69 -44.41
CA TRP B 114 -2.14 37.73 -44.82
C TRP B 114 -2.72 37.40 -46.19
N GLY B 115 -4.05 37.66 -46.37
CA GLY B 115 -4.70 37.57 -47.67
C GLY B 115 -4.41 38.78 -48.57
N GLN B 116 -4.85 38.66 -49.84
CA GLN B 116 -4.56 39.70 -50.84
C GLN B 116 -5.31 40.99 -50.56
N GLY B 117 -6.54 40.88 -50.08
CA GLY B 117 -7.33 42.07 -49.78
C GLY B 117 -8.52 42.09 -50.68
N THR B 118 -9.68 42.45 -50.15
CA THR B 118 -10.89 42.58 -50.95
C THR B 118 -11.50 43.94 -50.60
N GLN B 119 -12.01 44.63 -51.62
CA GLN B 119 -12.56 45.97 -51.44
C GLN B 119 -14.03 45.88 -51.06
N VAL B 120 -14.43 46.66 -50.07
CA VAL B 120 -15.83 46.78 -49.68
C VAL B 120 -16.18 48.25 -49.76
N THR B 121 -17.26 48.57 -50.50
CA THR B 121 -17.66 49.93 -50.77
C THR B 121 -19.13 50.12 -50.44
N VAL B 122 -19.41 51.10 -49.60
CA VAL B 122 -20.75 51.40 -49.12
C VAL B 122 -21.17 52.77 -49.67
N SER B 123 -22.09 52.75 -50.64
CA SER B 123 -22.61 53.98 -51.24
C SER B 123 -24.08 54.14 -50.89
N SER B 124 -24.56 55.38 -51.02
CA SER B 124 -25.97 55.69 -50.77
C SER B 124 -26.88 55.55 -52.01
N PRO C 1 -12.31 -2.23 6.32
CA PRO C 1 -11.50 -1.02 6.08
C PRO C 1 -12.15 0.26 6.57
N ASP C 2 -11.54 0.92 7.55
CA ASP C 2 -12.05 2.20 8.08
C ASP C 2 -11.49 3.33 7.23
N VAL C 3 -12.19 3.62 6.13
CA VAL C 3 -11.96 4.69 5.17
C VAL C 3 -11.71 6.07 5.77
N GLY C 4 -12.01 6.28 7.04
CA GLY C 4 -11.73 7.59 7.58
C GLY C 4 -10.49 7.62 8.45
N SER C 5 -9.86 6.47 8.66
CA SER C 5 -8.64 6.41 9.45
C SER C 5 -7.42 6.46 8.54
N SER C 6 -6.32 7.02 9.05
CA SER C 6 -5.08 6.94 8.28
C SER C 6 -4.50 5.53 8.24
N ASP C 7 -5.00 4.57 9.05
CA ASP C 7 -4.57 3.17 8.99
C ASP C 7 -5.80 2.35 8.70
N PRO C 8 -6.38 2.54 7.54
CA PRO C 8 -7.72 1.97 7.31
C PRO C 8 -7.73 0.44 7.41
N LEU C 9 -6.59 -0.20 7.10
CA LEU C 9 -6.47 -1.65 7.10
C LEU C 9 -6.03 -2.21 8.45
N SER C 10 -5.87 -1.33 9.45
CA SER C 10 -5.54 -1.70 10.82
C SER C 10 -4.25 -2.47 10.92
N MET C 11 -3.21 -2.00 10.25
CA MET C 11 -1.96 -2.75 10.28
C MET C 11 -1.26 -2.61 11.63
N VAL C 12 -1.43 -1.48 12.31
CA VAL C 12 -0.75 -1.25 13.59
C VAL C 12 -1.51 -1.96 14.71
N GLY C 13 -0.92 -3.04 15.24
CA GLY C 13 -1.53 -3.85 16.28
C GLY C 13 -1.20 -3.38 17.68
N GLY C 14 -0.35 -4.12 18.40
CA GLY C 14 -0.11 -3.90 19.82
C GLY C 14 -0.50 -5.11 20.64
N SER C 15 -0.80 -6.20 19.93
CA SER C 15 -1.09 -7.50 20.55
C SER C 15 -0.20 -8.55 19.92
N GLN C 16 0.71 -9.14 20.72
CA GLN C 16 1.67 -10.09 20.17
C GLN C 16 1.03 -11.42 19.76
N GLY C 17 0.01 -11.88 20.49
CA GLY C 17 -0.61 -13.17 20.16
C GLY C 17 0.23 -14.34 20.64
N ARG C 18 -0.41 -15.50 20.87
CA ARG C 18 0.31 -16.66 21.40
C ARG C 18 1.17 -17.29 20.31
N SER C 19 2.23 -17.96 20.74
CA SER C 19 3.04 -18.72 19.81
C SER C 19 2.27 -19.94 19.35
N PRO C 20 2.66 -20.53 18.23
CA PRO C 20 2.15 -21.86 17.87
C PRO C 20 2.07 -22.83 19.05
N SER C 21 3.04 -22.78 19.97
CA SER C 21 3.10 -23.78 21.04
C SER C 21 1.89 -23.72 21.96
N TYR C 22 1.34 -22.53 22.21
CA TYR C 22 0.21 -22.40 23.12
C TYR C 22 -1.12 -22.67 22.46
N GLU C 23 -1.21 -22.56 21.13
CA GLU C 23 -2.38 -23.06 20.42
C GLU C 23 -2.30 -24.56 20.13
N SER C 24 -1.76 -25.30 21.12
CA SER C 24 -1.30 -26.71 21.06
C SER C 24 -0.06 -26.91 20.15
C1 NAG D . -24.60 29.75 -21.77
C2 NAG D . -25.97 29.91 -21.26
C3 NAG D . -26.87 30.17 -22.45
C4 NAG D . -26.49 31.55 -23.01
C5 NAG D . -24.96 31.74 -23.20
C6 NAG D . -24.54 33.20 -23.16
C7 NAG D . -26.82 27.61 -20.71
C8 NAG D . -27.09 26.67 -19.57
N2 NAG D . -26.39 28.82 -20.38
O3 NAG D . -28.26 30.06 -22.12
O4 NAG D . -27.14 31.86 -24.26
O5 NAG D . -24.12 31.03 -22.24
O7 NAG D . -27.00 27.26 -21.89
#